data_5V9I
#
_entry.id   5V9I
#
_cell.length_a   56.607
_cell.length_b   77.509
_cell.length_c   134.794
_cell.angle_alpha   90.000
_cell.angle_beta   91.410
_cell.angle_gamma   90.000
#
_symmetry.space_group_name_H-M   'P 1 21 1'
#
loop_
_entity.id
_entity.type
_entity.pdbx_description
1 polymer 'Histone-lysine N-methyltransferase EHMT2'
2 non-polymer 'ZINC ION'
3 non-polymer S-ADENOSYLMETHIONINE
4 non-polymer N~2~-cyclohexyl-N~4~-(1-ethylpiperidin-4-yl)-6,7-dimethoxy-N~2~-methylquinazoline-2,4-diamine
5 non-polymer GLYCEROL
6 non-polymer 'UNKNOWN ATOM OR ION'
7 water water
#
_entity_poly.entity_id   1
_entity_poly.type   'polypeptide(L)'
_entity_poly.pdbx_seq_one_letter_code
;GSNRAIRTEKIICRDVARGYENVPIPCVNGVDGEPCPEDYKYISENCETSTMNIDRNITHLQHCTCVDDCSSSNCLCGQL
SIRCWYDKDGRLLQEFNKIEPPLIFECNQACSCWRNCKNRVVQSGIKVRLQLYRTAKMGWGVRALQTIPQGTFICEYVGE
LISDAEADVREDDSYLFDLDNKDGEVYCIDARYYGNISRFINHLCDPNIIPVRVFMLHQDLRFPRIAFFSSRDIRTGEEL
GFDYGDRFWDIKSKYFTCQCGSEKCKHSAEAIALEQSRLARLD
;
_entity_poly.pdbx_strand_id   A,B,C,D
#
loop_
_chem_comp.id
_chem_comp.type
_chem_comp.name
_chem_comp.formula
90P non-polymer N~2~-cyclohexyl-N~4~-(1-ethylpiperidin-4-yl)-6,7-dimethoxy-N~2~-methylquinazoline-2,4-diamine 'C24 H37 N5 O2'
GOL non-polymer GLYCEROL 'C3 H8 O3'
SAM non-polymer S-ADENOSYLMETHIONINE 'C15 H22 N6 O5 S'
UNX non-polymer 'UNKNOWN ATOM OR ION' ?
ZN non-polymer 'ZINC ION' 'Zn 2'
#
# COMPACT_ATOMS: atom_id res chain seq x y z
N ILE A 6 -35.06 52.40 25.02
CA ILE A 6 -34.30 52.66 23.80
C ILE A 6 -33.54 51.43 23.35
N ARG A 7 -33.80 50.98 22.12
CA ARG A 7 -33.15 49.81 21.54
C ARG A 7 -31.82 50.20 20.89
N THR A 8 -30.73 49.48 21.22
CA THR A 8 -29.41 49.70 20.63
C THR A 8 -29.14 48.56 19.64
N GLU A 9 -28.29 48.83 18.64
CA GLU A 9 -28.01 47.86 17.59
C GLU A 9 -27.02 46.79 18.04
N LYS A 10 -27.39 45.51 17.87
CA LYS A 10 -26.56 44.34 18.20
C LYS A 10 -26.02 43.66 16.95
N ILE A 11 -24.78 43.13 16.99
CA ILE A 11 -24.20 42.37 15.87
C ILE A 11 -24.65 40.93 16.14
N ILE A 12 -25.48 40.36 15.25
CA ILE A 12 -26.02 39.03 15.50
C ILE A 12 -25.43 37.93 14.58
N CYS A 13 -24.57 38.31 13.61
CA CYS A 13 -23.85 37.37 12.73
C CYS A 13 -22.68 38.14 12.12
N ARG A 14 -21.45 37.64 12.31
CA ARG A 14 -20.28 38.29 11.73
C ARG A 14 -20.26 38.13 10.20
N ASP A 15 -20.81 37.01 9.67
CA ASP A 15 -20.86 36.76 8.23
C ASP A 15 -21.94 35.76 7.92
N VAL A 16 -23.05 36.20 7.29
CA VAL A 16 -24.14 35.29 6.92
C VAL A 16 -23.75 34.38 5.77
N ALA A 17 -22.64 34.71 5.07
CA ALA A 17 -22.14 33.97 3.90
C ALA A 17 -21.14 32.86 4.28
N ARG A 18 -20.77 32.75 5.58
CA ARG A 18 -19.87 31.73 6.14
C ARG A 18 -18.52 31.65 5.39
N GLY A 19 -17.96 32.79 5.04
CA GLY A 19 -16.67 32.86 4.34
C GLY A 19 -16.70 32.55 2.87
N TYR A 20 -17.89 32.37 2.28
CA TYR A 20 -17.99 32.05 0.85
C TYR A 20 -17.83 33.26 -0.09
N GLU A 21 -18.06 34.48 0.41
CA GLU A 21 -17.90 35.67 -0.44
C GLU A 21 -16.48 36.21 -0.31
N ASN A 22 -16.09 37.19 -1.16
CA ASN A 22 -14.76 37.81 -1.06
C ASN A 22 -14.65 38.63 0.23
N VAL A 23 -15.81 39.07 0.73
CA VAL A 23 -15.88 39.89 1.94
C VAL A 23 -16.94 39.34 2.90
N PRO A 24 -16.79 39.58 4.23
CA PRO A 24 -17.86 39.17 5.16
C PRO A 24 -19.11 40.02 4.96
N ILE A 25 -20.29 39.44 5.21
CA ILE A 25 -21.56 40.15 5.14
C ILE A 25 -22.22 40.08 6.51
N PRO A 26 -21.93 41.02 7.41
CA PRO A 26 -22.49 40.93 8.76
C PRO A 26 -23.97 41.23 8.84
N CYS A 27 -24.59 40.76 9.92
CA CYS A 27 -26.00 40.98 10.21
C CYS A 27 -26.14 41.73 11.52
N VAL A 28 -26.93 42.80 11.51
CA VAL A 28 -27.18 43.60 12.72
C VAL A 28 -28.67 43.77 12.94
N ASN A 29 -29.07 44.06 14.18
CA ASN A 29 -30.48 44.33 14.45
C ASN A 29 -30.58 45.33 15.59
N GLY A 30 -31.09 46.52 15.28
CA GLY A 30 -31.34 47.58 16.25
C GLY A 30 -32.80 47.98 16.30
N VAL A 31 -33.71 47.11 15.80
CA VAL A 31 -35.14 47.41 15.73
C VAL A 31 -35.95 46.49 16.67
N ASP A 32 -35.68 45.17 16.66
CA ASP A 32 -36.46 44.24 17.48
C ASP A 32 -35.59 43.06 17.99
N GLY A 33 -36.23 41.99 18.48
CA GLY A 33 -35.58 40.81 19.02
C GLY A 33 -35.33 39.67 18.06
N GLU A 34 -35.59 39.90 16.76
CA GLU A 34 -35.42 38.88 15.72
C GLU A 34 -33.96 38.44 15.62
N PRO A 35 -33.66 37.14 15.81
CA PRO A 35 -32.26 36.70 15.70
C PRO A 35 -31.87 36.54 14.23
N CYS A 36 -30.61 36.20 13.99
CA CYS A 36 -30.11 35.99 12.63
C CYS A 36 -31.03 35.03 11.82
N PRO A 37 -31.45 35.40 10.58
CA PRO A 37 -32.32 34.52 9.80
C PRO A 37 -31.63 33.20 9.42
N GLU A 38 -32.20 32.08 9.89
CA GLU A 38 -31.63 30.74 9.66
C GLU A 38 -32.66 29.79 8.99
N ASP A 39 -33.71 30.38 8.39
CA ASP A 39 -34.82 29.67 7.70
C ASP A 39 -34.54 29.42 6.20
N TYR A 40 -33.27 29.49 5.80
CA TYR A 40 -32.84 29.24 4.43
C TYR A 40 -31.40 28.76 4.50
N LYS A 41 -30.88 28.33 3.36
CA LYS A 41 -29.48 27.92 3.19
C LYS A 41 -28.73 28.97 2.38
N TYR A 42 -27.76 29.69 2.99
CA TYR A 42 -26.95 30.62 2.22
C TYR A 42 -26.05 29.84 1.26
N ILE A 43 -26.12 30.20 -0.03
CA ILE A 43 -25.27 29.66 -1.13
C ILE A 43 -24.67 30.86 -1.85
N SER A 44 -23.39 30.81 -2.22
CA SER A 44 -22.77 31.91 -2.95
C SER A 44 -23.01 31.81 -4.48
N GLU A 45 -23.31 30.59 -4.98
CA GLU A 45 -23.63 30.38 -6.40
CA GLU A 45 -23.60 30.32 -6.39
C GLU A 45 -24.93 29.61 -6.56
N ASN A 46 -25.61 29.79 -7.72
CA ASN A 46 -26.85 29.13 -8.05
C ASN A 46 -26.75 27.63 -7.90
N CYS A 47 -27.81 27.02 -7.37
CA CYS A 47 -27.86 25.59 -7.19
C CYS A 47 -28.98 24.96 -8.00
N GLU A 48 -28.94 23.62 -8.11
CA GLU A 48 -29.98 22.82 -8.78
C GLU A 48 -30.51 21.81 -7.77
N THR A 49 -31.82 21.51 -7.82
CA THR A 49 -32.45 20.47 -7.00
C THR A 49 -33.10 19.42 -7.92
N SER A 50 -32.91 19.61 -9.24
CA SER A 50 -33.38 18.74 -10.32
CA SER A 50 -33.35 18.72 -10.32
C SER A 50 -32.49 19.02 -11.54
N THR A 51 -32.37 18.06 -12.45
CA THR A 51 -31.52 18.17 -13.63
C THR A 51 -31.99 19.28 -14.58
N MET A 52 -31.18 20.35 -14.68
CA MET A 52 -31.43 21.49 -15.59
C MET A 52 -30.77 21.25 -16.95
N ASN A 53 -29.78 20.34 -17.01
CA ASN A 53 -29.05 20.04 -18.26
C ASN A 53 -28.53 21.34 -18.93
N ILE A 54 -27.79 22.15 -18.15
CA ILE A 54 -27.19 23.39 -18.63
C ILE A 54 -26.09 22.99 -19.62
N ASP A 55 -26.00 23.70 -20.78
CA ASP A 55 -24.97 23.44 -21.76
C ASP A 55 -23.62 23.91 -21.20
N ARG A 56 -22.76 22.94 -20.88
CA ARG A 56 -21.44 23.24 -20.32
C ARG A 56 -20.33 22.84 -21.28
N ASN A 57 -20.69 22.50 -22.52
CA ASN A 57 -19.72 22.09 -23.56
C ASN A 57 -18.82 23.29 -23.91
N ILE A 58 -17.51 23.19 -23.58
CA ILE A 58 -16.49 24.26 -23.78
C ILE A 58 -16.42 24.71 -25.28
N THR A 59 -16.64 23.76 -26.24
CA THR A 59 -16.60 24.03 -27.70
C THR A 59 -17.83 24.84 -28.14
N HIS A 60 -18.84 24.98 -27.25
CA HIS A 60 -20.05 25.76 -27.61
C HIS A 60 -19.88 27.22 -27.20
N LEU A 61 -18.76 27.53 -26.53
CA LEU A 61 -18.47 28.88 -26.09
C LEU A 61 -18.00 29.82 -27.23
N GLN A 62 -18.57 31.03 -27.28
CA GLN A 62 -18.10 32.09 -28.18
C GLN A 62 -16.98 32.76 -27.37
N HIS A 63 -15.85 33.01 -27.99
CA HIS A 63 -14.69 33.48 -27.25
C HIS A 63 -13.83 34.34 -28.09
N CYS A 64 -12.93 35.09 -27.44
CA CYS A 64 -12.08 36.07 -28.08
C CYS A 64 -10.67 35.55 -28.26
N THR A 65 -10.00 36.11 -29.27
CA THR A 65 -8.64 35.73 -29.68
C THR A 65 -7.62 36.79 -29.15
N CYS A 66 -8.05 37.64 -28.19
CA CYS A 66 -7.29 38.73 -27.59
C CYS A 66 -6.04 38.27 -26.84
N VAL A 67 -4.95 39.02 -27.03
CA VAL A 67 -3.67 38.85 -26.35
C VAL A 67 -3.46 39.99 -25.33
N ASP A 68 -4.20 41.11 -25.51
CA ASP A 68 -4.17 42.28 -24.63
C ASP A 68 -5.11 42.08 -23.43
N ASP A 69 -5.55 43.17 -22.75
CA ASP A 69 -6.42 43.08 -21.57
C ASP A 69 -7.93 43.14 -21.92
N CYS A 70 -8.28 42.96 -23.22
CA CYS A 70 -9.63 43.01 -23.79
C CYS A 70 -10.29 44.40 -23.63
N SER A 71 -9.52 45.46 -23.89
CA SER A 71 -10.05 46.83 -23.86
C SER A 71 -10.26 47.40 -25.29
N SER A 72 -9.97 46.59 -26.34
CA SER A 72 -10.13 47.04 -27.73
C SER A 72 -11.46 46.55 -28.35
N SER A 73 -11.85 47.14 -29.51
CA SER A 73 -13.11 46.79 -30.21
C SER A 73 -13.01 45.43 -30.97
N ASN A 74 -11.81 44.82 -31.02
CA ASN A 74 -11.60 43.52 -31.68
C ASN A 74 -12.02 42.36 -30.80
N CYS A 75 -12.30 42.62 -29.50
CA CYS A 75 -12.70 41.56 -28.55
C CYS A 75 -14.06 41.01 -28.95
N LEU A 76 -14.11 39.74 -29.44
CA LEU A 76 -15.37 39.12 -29.89
C LEU A 76 -16.43 39.14 -28.79
N CYS A 77 -16.03 38.80 -27.57
CA CYS A 77 -16.91 38.77 -26.38
C CYS A 77 -17.63 40.09 -26.15
N GLY A 78 -16.90 41.19 -26.18
CA GLY A 78 -17.47 42.53 -26.08
C GLY A 78 -18.41 42.82 -27.24
N GLN A 79 -18.04 42.37 -28.47
CA GLN A 79 -18.86 42.54 -29.69
C GLN A 79 -20.20 41.83 -29.56
N LEU A 80 -20.28 40.74 -28.76
CA LEU A 80 -21.52 39.98 -28.53
C LEU A 80 -22.63 40.85 -27.89
N SER A 81 -22.26 42.05 -27.38
CA SER A 81 -23.18 43.05 -26.83
C SER A 81 -22.85 44.40 -27.44
N ILE A 82 -22.45 44.40 -28.75
CA ILE A 82 -22.01 45.54 -29.56
C ILE A 82 -20.60 45.95 -29.09
N ARG A 83 -20.45 46.23 -27.78
CA ARG A 83 -19.20 46.60 -27.13
C ARG A 83 -19.19 46.12 -25.67
N CYS A 84 -17.99 46.03 -25.06
CA CYS A 84 -17.83 45.69 -23.64
C CYS A 84 -18.37 46.92 -22.94
N TRP A 85 -19.21 46.73 -21.90
CA TRP A 85 -19.83 47.88 -21.26
C TRP A 85 -19.09 48.29 -19.99
N TYR A 86 -17.92 47.71 -19.76
CA TYR A 86 -17.14 48.00 -18.57
C TYR A 86 -16.00 48.96 -18.84
N ASP A 87 -15.84 49.96 -17.97
CA ASP A 87 -14.73 50.92 -18.06
C ASP A 87 -13.47 50.31 -17.42
N LYS A 88 -12.38 51.09 -17.29
CA LYS A 88 -11.10 50.62 -16.72
C LYS A 88 -11.19 50.20 -15.24
N ASP A 89 -12.22 50.72 -14.53
CA ASP A 89 -12.50 50.49 -13.11
C ASP A 89 -13.55 49.39 -12.90
N GLY A 90 -13.99 48.75 -13.99
CA GLY A 90 -14.98 47.68 -13.94
C GLY A 90 -16.40 48.14 -13.76
N ARG A 91 -16.65 49.44 -14.03
CA ARG A 91 -17.96 50.03 -13.86
C ARG A 91 -18.69 50.19 -15.19
N LEU A 92 -20.03 49.95 -15.19
CA LEU A 92 -20.82 50.13 -16.41
C LEU A 92 -20.67 51.55 -16.94
N LEU A 93 -20.54 51.67 -18.28
CA LEU A 93 -20.41 52.98 -18.94
C LEU A 93 -21.68 53.81 -18.69
N GLN A 94 -21.56 55.15 -18.62
CA GLN A 94 -22.67 56.05 -18.35
C GLN A 94 -23.84 55.90 -19.35
N GLU A 95 -23.54 55.60 -20.63
CA GLU A 95 -24.50 55.42 -21.73
C GLU A 95 -25.16 54.00 -21.74
N PHE A 96 -24.83 53.14 -20.76
CA PHE A 96 -25.40 51.80 -20.63
C PHE A 96 -26.93 51.93 -20.51
N ASN A 97 -27.66 51.12 -21.31
CA ASN A 97 -29.13 51.13 -21.30
C ASN A 97 -29.61 50.53 -19.98
N LYS A 98 -30.00 51.38 -19.03
CA LYS A 98 -30.45 50.93 -17.70
C LYS A 98 -31.91 50.44 -17.72
N ILE A 99 -32.70 50.79 -18.78
CA ILE A 99 -34.10 50.37 -18.93
C ILE A 99 -34.14 48.96 -19.55
N GLU A 100 -33.57 48.77 -20.76
CA GLU A 100 -33.51 47.46 -21.39
C GLU A 100 -32.03 47.09 -21.62
N PRO A 101 -31.36 46.59 -20.57
CA PRO A 101 -29.92 46.27 -20.71
C PRO A 101 -29.63 45.15 -21.71
N PRO A 102 -28.50 45.21 -22.44
CA PRO A 102 -28.15 44.09 -23.35
C PRO A 102 -27.63 42.91 -22.54
N LEU A 103 -27.56 41.73 -23.16
CA LEU A 103 -26.99 40.55 -22.50
C LEU A 103 -25.50 40.85 -22.41
N ILE A 104 -24.86 40.64 -21.24
CA ILE A 104 -23.40 40.84 -21.13
C ILE A 104 -22.75 39.47 -21.26
N PHE A 105 -21.76 39.37 -22.15
CA PHE A 105 -20.98 38.14 -22.33
C PHE A 105 -19.58 38.43 -21.84
N GLU A 106 -19.23 37.94 -20.62
CA GLU A 106 -17.86 38.11 -20.06
C GLU A 106 -16.96 37.15 -20.70
N CYS A 107 -15.63 37.36 -20.55
CA CYS A 107 -14.65 36.40 -21.05
C CYS A 107 -14.74 35.11 -20.27
N ASN A 108 -14.24 34.04 -20.85
CA ASN A 108 -14.35 32.74 -20.24
C ASN A 108 -13.07 31.91 -20.42
N GLN A 109 -13.14 30.63 -20.03
CA GLN A 109 -12.07 29.66 -20.06
C GLN A 109 -11.65 29.27 -21.51
N ALA A 110 -12.45 29.64 -22.55
CA ALA A 110 -12.12 29.37 -23.96
C ALA A 110 -11.35 30.53 -24.60
N CYS A 111 -11.41 31.74 -23.98
CA CYS A 111 -10.72 32.95 -24.46
C CYS A 111 -9.24 32.83 -24.28
N SER A 112 -8.48 33.42 -25.21
CA SER A 112 -7.02 33.39 -25.16
C SER A 112 -6.47 34.40 -24.13
N CYS A 113 -7.32 35.32 -23.63
CA CYS A 113 -6.94 36.35 -22.68
C CYS A 113 -6.71 35.78 -21.26
N TRP A 114 -6.19 36.61 -20.35
CA TRP A 114 -5.89 36.25 -18.97
C TRP A 114 -7.12 36.42 -18.08
N ARG A 115 -7.13 35.72 -16.93
CA ARG A 115 -8.23 35.78 -15.95
C ARG A 115 -8.45 37.20 -15.38
N ASN A 116 -7.46 38.11 -15.50
CA ASN A 116 -7.61 39.46 -14.98
C ASN A 116 -7.88 40.48 -16.10
N CYS A 117 -8.43 40.06 -17.27
CA CYS A 117 -8.76 40.99 -18.38
C CYS A 117 -9.90 41.94 -17.92
N LYS A 118 -10.23 42.95 -18.71
CA LYS A 118 -11.22 43.98 -18.35
C LYS A 118 -12.70 43.52 -18.54
N ASN A 119 -12.94 42.29 -19.02
CA ASN A 119 -14.30 41.78 -19.23
C ASN A 119 -14.57 40.59 -18.25
N ARG A 120 -14.29 40.78 -16.94
CA ARG A 120 -14.42 39.75 -15.88
C ARG A 120 -15.05 40.27 -14.57
N VAL A 121 -15.82 41.33 -14.63
CA VAL A 121 -16.34 41.96 -13.42
C VAL A 121 -17.24 41.01 -12.54
N VAL A 122 -18.36 40.48 -13.08
CA VAL A 122 -19.31 39.67 -12.32
C VAL A 122 -18.67 38.39 -11.84
N GLN A 123 -17.87 37.75 -12.70
CA GLN A 123 -17.21 36.51 -12.32
C GLN A 123 -16.16 36.72 -11.19
N SER A 124 -15.75 37.98 -10.89
CA SER A 124 -14.77 38.27 -9.84
C SER A 124 -15.43 38.48 -8.45
N GLY A 125 -16.77 38.49 -8.42
CA GLY A 125 -17.51 38.54 -7.18
C GLY A 125 -17.69 39.87 -6.46
N ILE A 126 -18.20 39.79 -5.22
CA ILE A 126 -18.52 40.98 -4.42
C ILE A 126 -17.26 41.74 -4.03
N LYS A 127 -17.27 43.06 -4.22
CA LYS A 127 -16.18 43.93 -3.84
C LYS A 127 -16.65 45.02 -2.88
N VAL A 128 -17.93 45.40 -2.94
CA VAL A 128 -18.44 46.46 -2.08
C VAL A 128 -18.82 45.86 -0.71
N ARG A 129 -18.81 46.71 0.31
CA ARG A 129 -19.16 46.31 1.67
CA ARG A 129 -19.16 46.29 1.67
C ARG A 129 -20.64 46.51 1.91
N LEU A 130 -21.34 45.40 2.18
CA LEU A 130 -22.77 45.35 2.42
C LEU A 130 -23.06 44.87 3.82
N GLN A 131 -24.27 45.14 4.30
CA GLN A 131 -24.70 44.75 5.63
C GLN A 131 -26.15 44.36 5.60
N LEU A 132 -26.45 43.20 6.18
CA LEU A 132 -27.81 42.73 6.35
C LEU A 132 -28.28 43.43 7.64
N TYR A 133 -29.42 44.12 7.59
CA TYR A 133 -29.89 44.85 8.77
C TYR A 133 -31.43 44.79 8.89
N ARG A 134 -31.92 45.01 10.11
CA ARG A 134 -33.34 45.00 10.37
C ARG A 134 -33.89 46.40 10.09
N THR A 135 -34.81 46.51 9.11
CA THR A 135 -35.43 47.79 8.73
C THR A 135 -36.56 48.12 9.70
N ALA A 136 -37.14 49.34 9.59
CA ALA A 136 -38.24 49.72 10.48
C ALA A 136 -39.58 49.07 10.11
N LYS A 137 -39.85 48.85 8.80
CA LYS A 137 -41.17 48.33 8.37
C LYS A 137 -41.15 47.23 7.32
N MET A 138 -39.97 46.92 6.76
CA MET A 138 -39.86 45.93 5.69
C MET A 138 -39.06 44.72 6.08
N GLY A 139 -39.07 44.31 7.35
CA GLY A 139 -38.29 43.16 7.79
C GLY A 139 -36.80 43.36 7.61
N TRP A 140 -36.07 42.32 7.10
CA TRP A 140 -34.64 42.44 6.84
C TRP A 140 -34.42 43.18 5.52
N GLY A 141 -33.33 43.91 5.41
CA GLY A 141 -32.94 44.62 4.22
C GLY A 141 -31.42 44.62 4.11
N VAL A 142 -30.92 45.14 3.00
CA VAL A 142 -29.48 45.17 2.75
C VAL A 142 -29.09 46.61 2.50
N ARG A 143 -28.05 47.07 3.19
CA ARG A 143 -27.57 48.44 2.97
C ARG A 143 -26.07 48.50 2.68
N ALA A 144 -25.68 49.61 2.05
CA ALA A 144 -24.31 49.93 1.69
C ALA A 144 -23.53 50.37 2.93
N LEU A 145 -22.31 49.85 3.11
CA LEU A 145 -21.43 50.28 4.21
C LEU A 145 -20.39 51.29 3.69
N GLN A 146 -20.53 51.69 2.42
CA GLN A 146 -19.63 52.59 1.73
C GLN A 146 -20.36 53.28 0.57
N THR A 147 -19.78 54.39 0.07
CA THR A 147 -20.32 55.07 -1.11
C THR A 147 -20.08 54.14 -2.30
N ILE A 148 -21.10 53.96 -3.15
CA ILE A 148 -20.99 53.11 -4.32
C ILE A 148 -21.25 53.95 -5.58
N PRO A 149 -20.23 54.19 -6.43
CA PRO A 149 -20.46 54.96 -7.66
C PRO A 149 -21.39 54.25 -8.63
N GLN A 150 -22.10 55.01 -9.49
CA GLN A 150 -23.00 54.46 -10.51
C GLN A 150 -22.27 53.45 -11.42
N GLY A 151 -22.95 52.35 -11.75
CA GLY A 151 -22.42 51.32 -12.63
C GLY A 151 -21.54 50.28 -11.96
N THR A 152 -21.43 50.31 -10.62
CA THR A 152 -20.62 49.34 -9.88
C THR A 152 -21.39 48.04 -9.69
N PHE A 153 -20.68 46.91 -9.82
CA PHE A 153 -21.25 45.61 -9.54
C PHE A 153 -21.42 45.49 -8.00
N ILE A 154 -22.63 45.08 -7.55
CA ILE A 154 -23.00 44.98 -6.14
CA ILE A 154 -22.87 44.99 -6.12
C ILE A 154 -22.98 43.52 -5.72
N CYS A 155 -23.94 42.73 -6.30
CA CYS A 155 -24.08 41.30 -6.01
C CYS A 155 -24.95 40.58 -7.07
N GLU A 156 -24.88 39.27 -7.05
CA GLU A 156 -25.62 38.45 -7.98
C GLU A 156 -26.92 38.03 -7.32
N TYR A 157 -27.97 37.86 -8.10
CA TYR A 157 -29.20 37.30 -7.57
C TYR A 157 -29.01 35.79 -7.67
N VAL A 158 -28.71 35.16 -6.52
CA VAL A 158 -28.42 33.73 -6.47
C VAL A 158 -29.56 32.93 -5.81
N GLY A 159 -29.78 31.72 -6.33
CA GLY A 159 -30.81 30.86 -5.76
C GLY A 159 -30.91 29.50 -6.42
N GLU A 160 -32.02 28.83 -6.20
CA GLU A 160 -32.31 27.53 -6.76
C GLU A 160 -32.90 27.73 -8.16
N LEU A 161 -32.34 27.06 -9.20
CA LEU A 161 -32.89 27.17 -10.54
C LEU A 161 -34.07 26.24 -10.66
N ILE A 162 -35.22 26.76 -11.10
CA ILE A 162 -36.46 25.99 -11.23
C ILE A 162 -37.13 26.32 -12.55
N SER A 163 -38.01 25.45 -13.02
CA SER A 163 -38.72 25.71 -14.27
C SER A 163 -39.88 26.60 -13.96
N ASP A 164 -40.48 27.19 -15.01
CA ASP A 164 -41.69 28.02 -14.98
C ASP A 164 -42.83 27.19 -14.35
N ALA A 165 -42.86 25.85 -14.66
CA ALA A 165 -43.82 24.86 -14.16
C ALA A 165 -43.65 24.65 -12.65
N GLU A 166 -42.39 24.58 -12.15
CA GLU A 166 -42.08 24.38 -10.74
C GLU A 166 -42.45 25.63 -9.94
N ALA A 167 -42.18 26.84 -10.50
CA ALA A 167 -42.52 28.13 -9.88
C ALA A 167 -44.04 28.27 -9.69
N ASP A 168 -44.83 27.72 -10.62
CA ASP A 168 -46.30 27.81 -10.58
C ASP A 168 -46.93 26.88 -9.50
N VAL A 169 -46.14 25.94 -8.91
CA VAL A 169 -46.67 25.06 -7.86
C VAL A 169 -46.04 25.43 -6.48
N ARG A 170 -45.20 26.48 -6.43
CA ARG A 170 -44.60 26.84 -5.16
C ARG A 170 -45.46 27.85 -4.42
N GLU A 171 -45.69 27.56 -3.13
CA GLU A 171 -46.52 28.35 -2.25
C GLU A 171 -45.90 29.71 -1.97
N ASP A 172 -44.64 29.74 -1.52
CA ASP A 172 -43.94 30.96 -1.17
C ASP A 172 -43.21 31.50 -2.40
N ASP A 173 -43.84 32.48 -3.07
CA ASP A 173 -43.31 33.05 -4.32
C ASP A 173 -42.73 34.47 -4.12
N SER A 174 -42.37 34.86 -2.87
CA SER A 174 -41.83 36.20 -2.52
C SER A 174 -40.35 36.38 -2.83
N TYR A 175 -39.64 35.28 -3.16
CA TYR A 175 -38.19 35.32 -3.44
C TYR A 175 -37.92 34.78 -4.88
N LEU A 176 -38.89 34.95 -5.80
CA LEU A 176 -38.75 34.42 -7.17
C LEU A 176 -38.21 35.50 -8.09
N PHE A 177 -37.26 35.14 -9.00
CA PHE A 177 -36.73 36.07 -10.01
C PHE A 177 -36.90 35.38 -11.39
N ASP A 178 -37.77 35.91 -12.24
CA ASP A 178 -38.05 35.31 -13.56
C ASP A 178 -36.98 35.55 -14.58
N LEU A 179 -36.64 34.50 -15.34
N LEU A 179 -36.65 34.49 -15.37
CA LEU A 179 -35.68 34.57 -16.45
CA LEU A 179 -35.68 34.56 -16.46
C LEU A 179 -36.49 34.41 -17.76
C LEU A 179 -36.48 34.42 -17.77
N ASP A 180 -37.28 35.46 -18.11
CA ASP A 180 -38.15 35.47 -19.30
C ASP A 180 -37.38 35.74 -20.60
CA GLU A 185 -38.11 27.40 -22.21
C GLU A 185 -37.86 28.57 -21.28
N VAL A 186 -38.69 28.71 -20.24
CA VAL A 186 -38.55 29.80 -19.27
C VAL A 186 -38.24 29.21 -17.90
N TYR A 187 -37.23 29.78 -17.23
CA TYR A 187 -36.80 29.33 -15.91
C TYR A 187 -36.90 30.46 -14.92
N CYS A 188 -36.75 30.13 -13.63
CA CYS A 188 -36.85 31.10 -12.53
CA CYS A 188 -36.86 31.09 -12.54
C CYS A 188 -35.77 30.82 -11.51
N ILE A 189 -35.35 31.85 -10.76
CA ILE A 189 -34.41 31.66 -9.68
C ILE A 189 -35.25 31.81 -8.40
N ASP A 190 -35.37 30.74 -7.60
CA ASP A 190 -36.09 30.82 -6.32
C ASP A 190 -35.04 30.92 -5.20
N ALA A 191 -34.98 32.08 -4.51
CA ALA A 191 -34.06 32.21 -3.38
C ALA A 191 -34.78 31.95 -1.99
N ARG A 192 -35.98 31.33 -1.97
CA ARG A 192 -36.67 31.08 -0.69
C ARG A 192 -35.87 30.09 0.19
N TYR A 193 -35.49 28.94 -0.36
CA TYR A 193 -34.82 27.92 0.44
C TYR A 193 -33.31 27.98 0.35
N TYR A 194 -32.81 28.44 -0.80
CA TYR A 194 -31.39 28.53 -1.12
C TYR A 194 -31.19 29.85 -1.79
N GLY A 195 -30.35 30.69 -1.20
CA GLY A 195 -30.08 32.00 -1.78
C GLY A 195 -28.88 32.68 -1.18
N ASN A 196 -28.50 33.82 -1.71
CA ASN A 196 -27.39 34.61 -1.18
C ASN A 196 -27.93 35.90 -0.54
N ILE A 197 -27.06 36.91 -0.36
CA ILE A 197 -27.42 38.18 0.26
CA ILE A 197 -27.41 38.19 0.25
C ILE A 197 -28.54 38.89 -0.55
N SER A 198 -28.63 38.67 -1.89
CA SER A 198 -29.70 39.31 -2.72
C SER A 198 -31.14 38.91 -2.31
N ARG A 199 -31.32 37.74 -1.66
CA ARG A 199 -32.67 37.32 -1.25
C ARG A 199 -33.28 38.30 -0.22
N PHE A 200 -32.42 39.12 0.40
CA PHE A 200 -32.83 40.06 1.46
C PHE A 200 -33.10 41.49 0.94
N ILE A 201 -32.71 41.80 -0.31
CA ILE A 201 -32.93 43.12 -0.90
C ILE A 201 -34.43 43.36 -1.14
N ASN A 202 -34.94 44.48 -0.58
CA ASN A 202 -36.32 44.92 -0.67
C ASN A 202 -36.59 45.62 -1.99
N HIS A 203 -37.87 45.84 -2.29
CA HIS A 203 -38.34 46.55 -3.47
C HIS A 203 -38.34 48.04 -3.21
N LEU A 204 -37.84 48.81 -4.18
CA LEU A 204 -37.90 50.27 -4.16
C LEU A 204 -38.47 50.71 -5.51
N CYS A 205 -39.50 51.57 -5.49
CA CYS A 205 -40.16 52.11 -6.67
C CYS A 205 -39.19 53.02 -7.45
N ASP A 206 -38.21 53.63 -6.74
CA ASP A 206 -37.12 54.41 -7.31
C ASP A 206 -35.85 53.59 -7.01
N PRO A 207 -35.58 52.55 -7.82
CA PRO A 207 -34.48 51.63 -7.46
C PRO A 207 -33.10 52.27 -7.61
N ASN A 208 -32.14 51.78 -6.83
CA ASN A 208 -30.74 52.23 -6.89
C ASN A 208 -29.87 51.13 -7.48
N ILE A 209 -30.47 49.96 -7.82
CA ILE A 209 -29.74 48.86 -8.48
C ILE A 209 -30.57 48.31 -9.66
N ILE A 210 -29.89 47.80 -10.71
CA ILE A 210 -30.59 47.24 -11.87
C ILE A 210 -30.13 45.82 -12.16
N PRO A 211 -31.07 44.91 -12.53
CA PRO A 211 -30.67 43.53 -12.88
C PRO A 211 -30.21 43.45 -14.34
N VAL A 212 -29.08 42.77 -14.54
CA VAL A 212 -28.43 42.59 -15.85
C VAL A 212 -28.14 41.11 -16.04
N ARG A 213 -28.53 40.56 -17.22
CA ARG A 213 -28.31 39.17 -17.60
CA ARG A 213 -28.28 39.15 -17.52
C ARG A 213 -26.86 39.03 -18.03
N VAL A 214 -26.10 38.13 -17.40
CA VAL A 214 -24.70 37.96 -17.68
C VAL A 214 -24.38 36.50 -17.95
N PHE A 215 -23.40 36.28 -18.84
CA PHE A 215 -22.89 34.95 -19.16
C PHE A 215 -21.41 34.92 -18.88
N MET A 216 -20.96 33.86 -18.19
CA MET A 216 -19.56 33.66 -17.80
C MET A 216 -19.06 32.29 -18.23
N LEU A 217 -19.14 31.27 -17.35
CA LEU A 217 -18.58 29.93 -17.60
C LEU A 217 -19.30 29.16 -18.70
N HIS A 218 -20.57 29.51 -18.98
CA HIS A 218 -21.40 28.88 -20.02
C HIS A 218 -22.15 29.93 -20.76
N GLN A 219 -22.68 29.55 -21.90
CA GLN A 219 -23.50 30.49 -22.67
C GLN A 219 -24.84 29.87 -23.06
N ASP A 220 -25.44 29.11 -22.12
CA ASP A 220 -26.78 28.55 -22.28
C ASP A 220 -27.75 29.70 -22.02
N LEU A 221 -28.36 30.26 -23.10
CA LEU A 221 -29.23 31.43 -23.04
C LEU A 221 -30.50 31.21 -22.20
N ARG A 222 -30.84 29.97 -21.85
CA ARG A 222 -31.99 29.72 -20.96
C ARG A 222 -31.62 30.14 -19.54
N PHE A 223 -30.30 30.16 -19.23
CA PHE A 223 -29.87 30.40 -17.87
C PHE A 223 -28.90 31.56 -17.74
N PRO A 224 -29.35 32.80 -17.96
CA PRO A 224 -28.47 33.94 -17.68
C PRO A 224 -28.28 34.07 -16.16
N ARG A 225 -27.12 34.61 -15.74
CA ARG A 225 -26.92 34.87 -14.32
C ARG A 225 -27.35 36.32 -14.12
N ILE A 226 -27.93 36.65 -12.95
CA ILE A 226 -28.48 38.00 -12.71
CA ILE A 226 -28.47 38.01 -12.74
C ILE A 226 -27.53 38.80 -11.83
N ALA A 227 -26.94 39.85 -12.41
CA ALA A 227 -26.00 40.70 -11.71
C ALA A 227 -26.62 42.05 -11.44
N PHE A 228 -26.51 42.53 -10.19
CA PHE A 228 -27.09 43.84 -9.87
C PHE A 228 -26.00 44.85 -9.89
N PHE A 229 -26.24 45.95 -10.61
CA PHE A 229 -25.31 47.07 -10.70
C PHE A 229 -26.03 48.28 -10.20
N SER A 230 -25.31 49.17 -9.49
CA SER A 230 -25.89 50.45 -9.04
C SER A 230 -26.36 51.25 -10.28
N SER A 231 -27.63 51.74 -10.24
CA SER A 231 -28.24 52.50 -11.33
CA SER A 231 -28.21 52.50 -11.35
C SER A 231 -27.87 53.99 -11.23
N ARG A 232 -27.41 54.39 -10.03
CA ARG A 232 -26.95 55.75 -9.72
CA ARG A 232 -26.99 55.76 -9.69
C ARG A 232 -25.94 55.68 -8.57
N ASP A 233 -25.39 56.84 -8.13
CA ASP A 233 -24.43 56.89 -7.03
C ASP A 233 -25.19 56.58 -5.74
N ILE A 234 -24.72 55.58 -4.97
CA ILE A 234 -25.36 55.19 -3.70
C ILE A 234 -24.53 55.74 -2.54
N ARG A 235 -25.19 56.40 -1.59
CA ARG A 235 -24.57 57.00 -0.40
C ARG A 235 -24.41 55.96 0.72
N THR A 236 -23.42 56.16 1.63
CA THR A 236 -23.18 55.25 2.77
C THR A 236 -24.44 55.16 3.66
N GLY A 237 -24.81 53.95 4.05
CA GLY A 237 -25.98 53.68 4.88
C GLY A 237 -27.27 53.52 4.10
N GLU A 238 -27.23 53.71 2.78
CA GLU A 238 -28.40 53.61 1.93
C GLU A 238 -28.82 52.18 1.71
N GLU A 239 -30.13 51.95 1.82
CA GLU A 239 -30.67 50.63 1.56
C GLU A 239 -30.69 50.39 0.06
N LEU A 240 -30.30 49.16 -0.33
CA LEU A 240 -30.32 48.71 -1.72
C LEU A 240 -31.75 48.34 -2.05
N GLY A 241 -32.13 48.54 -3.30
CA GLY A 241 -33.47 48.17 -3.78
C GLY A 241 -33.57 48.08 -5.29
N PHE A 242 -34.18 47.00 -5.79
CA PHE A 242 -34.45 46.86 -7.22
C PHE A 242 -35.96 46.84 -7.42
N ASP A 243 -36.41 46.98 -8.68
CA ASP A 243 -37.85 47.01 -8.98
C ASP A 243 -38.28 45.57 -9.21
N TYR A 244 -39.13 45.05 -8.32
CA TYR A 244 -39.58 43.66 -8.40
C TYR A 244 -40.39 43.41 -9.67
N GLY A 245 -40.93 44.47 -10.24
CA GLY A 245 -41.71 44.39 -11.47
C GLY A 245 -43.18 44.24 -11.18
N ASP A 246 -43.98 44.29 -12.26
CA ASP A 246 -45.45 44.25 -12.20
C ASP A 246 -46.00 42.87 -11.80
N ARG A 247 -45.38 41.73 -12.22
CA ARG A 247 -45.85 40.38 -11.88
C ARG A 247 -45.94 40.20 -10.35
N PHE A 248 -44.85 40.58 -9.63
CA PHE A 248 -44.81 40.51 -8.17
C PHE A 248 -45.96 41.31 -7.55
N TRP A 249 -46.15 42.57 -7.99
CA TRP A 249 -47.12 43.46 -7.38
C TRP A 249 -48.56 43.15 -7.79
N ASP A 250 -48.78 42.67 -9.02
CA ASP A 250 -50.13 42.31 -9.47
C ASP A 250 -50.66 41.14 -8.61
N ILE A 251 -49.73 40.34 -8.04
CA ILE A 251 -50.08 39.21 -7.18
C ILE A 251 -50.07 39.62 -5.69
N LYS A 252 -49.08 40.44 -5.24
CA LYS A 252 -48.97 40.77 -3.81
C LYS A 252 -49.77 41.99 -3.35
N SER A 253 -50.08 43.00 -4.21
CA SER A 253 -50.80 44.23 -3.79
C SER A 253 -52.08 43.92 -3.03
N LYS A 254 -52.72 42.80 -3.38
CA LYS A 254 -53.93 42.26 -2.76
C LYS A 254 -53.74 42.09 -1.23
N TYR A 255 -52.54 41.61 -0.83
CA TYR A 255 -52.21 41.25 0.56
C TYR A 255 -51.43 42.33 1.33
N PHE A 256 -50.58 43.12 0.67
CA PHE A 256 -49.82 44.20 1.29
C PHE A 256 -49.40 45.24 0.27
N THR A 257 -49.15 46.47 0.74
CA THR A 257 -48.77 47.59 -0.10
C THR A 257 -47.32 47.98 0.12
N CYS A 258 -46.76 48.71 -0.85
CA CYS A 258 -45.37 49.15 -0.82
C CYS A 258 -45.12 50.18 0.32
N GLN A 259 -44.04 49.96 1.10
CA GLN A 259 -43.64 50.80 2.23
C GLN A 259 -42.30 51.52 1.96
N CYS A 260 -41.93 51.70 0.67
CA CYS A 260 -40.65 52.32 0.29
C CYS A 260 -40.61 53.83 0.64
N GLY A 261 -41.76 54.39 1.00
CA GLY A 261 -41.93 55.77 1.44
C GLY A 261 -41.48 56.87 0.50
N SER A 262 -41.25 56.53 -0.78
CA SER A 262 -40.81 57.48 -1.79
C SER A 262 -41.98 58.25 -2.36
N GLU A 263 -41.74 59.50 -2.83
CA GLU A 263 -42.78 60.34 -3.46
C GLU A 263 -43.16 59.75 -4.83
N LYS A 264 -42.25 58.96 -5.42
CA LYS A 264 -42.41 58.30 -6.71
C LYS A 264 -42.99 56.86 -6.57
N CYS A 265 -43.48 56.51 -5.35
CA CYS A 265 -44.05 55.18 -5.04
C CYS A 265 -45.24 54.88 -5.93
N LYS A 266 -45.22 53.71 -6.60
CA LYS A 266 -46.29 53.34 -7.53
C LYS A 266 -47.11 52.15 -7.03
N HIS A 267 -46.85 51.69 -5.78
CA HIS A 267 -47.51 50.49 -5.28
C HIS A 267 -47.95 50.60 -3.80
N SER A 268 -47.96 51.81 -3.22
CA SER A 268 -48.45 52.01 -1.84
C SER A 268 -49.99 52.07 -1.81
N ALA A 269 -50.59 52.10 -0.60
CA ALA A 269 -52.04 52.20 -0.46
C ALA A 269 -52.50 53.56 -1.00
N GLU A 270 -51.70 54.63 -0.78
CA GLU A 270 -52.00 55.98 -1.29
C GLU A 270 -51.85 56.02 -2.82
N ALA A 271 -50.88 55.26 -3.37
CA ALA A 271 -50.69 55.14 -4.82
C ALA A 271 -51.87 54.39 -5.45
N ILE A 272 -52.38 53.35 -4.73
CA ILE A 272 -53.51 52.52 -5.15
C ILE A 272 -54.80 53.32 -5.21
N ALA A 273 -55.09 54.08 -4.14
CA ALA A 273 -56.28 54.94 -3.99
C ALA A 273 -56.38 56.00 -5.09
N LEU A 274 -55.25 56.65 -5.47
CA LEU A 274 -55.18 57.66 -6.53
C LEU A 274 -55.49 57.07 -7.92
N GLU A 275 -54.95 55.87 -8.20
CA GLU A 275 -55.16 55.16 -9.48
C GLU A 275 -56.49 54.41 -9.48
N THR B 8 22.32 29.76 -21.47
CA THR B 8 21.67 30.50 -20.40
C THR B 8 20.16 30.22 -20.37
N GLU B 9 19.59 30.15 -19.15
CA GLU B 9 18.18 29.91 -18.91
C GLU B 9 17.37 31.11 -19.37
N LYS B 10 16.26 30.86 -20.07
CA LYS B 10 15.41 31.92 -20.58
C LYS B 10 13.96 31.77 -20.11
N ILE B 11 13.42 32.79 -19.42
CA ILE B 11 12.02 32.85 -18.97
C ILE B 11 11.20 33.22 -20.21
N ILE B 12 10.46 32.24 -20.76
CA ILE B 12 9.74 32.43 -22.01
C ILE B 12 8.22 32.62 -21.79
N CYS B 13 7.72 32.45 -20.56
CA CYS B 13 6.32 32.75 -20.20
C CYS B 13 6.24 33.06 -18.72
N ARG B 14 5.68 34.22 -18.36
CA ARG B 14 5.57 34.61 -16.96
C ARG B 14 4.48 33.78 -16.23
N ASP B 15 3.46 33.30 -16.97
CA ASP B 15 2.38 32.47 -16.39
C ASP B 15 1.63 31.66 -17.48
N VAL B 16 1.89 30.35 -17.53
CA VAL B 16 1.27 29.45 -18.51
C VAL B 16 -0.24 29.33 -18.24
N ALA B 17 -0.63 29.60 -16.99
CA ALA B 17 -2.02 29.49 -16.50
C ALA B 17 -2.85 30.74 -16.80
N ARG B 18 -2.21 31.84 -17.26
CA ARG B 18 -2.84 33.14 -17.60
C ARG B 18 -3.69 33.71 -16.44
N GLY B 19 -3.14 33.66 -15.22
CA GLY B 19 -3.78 34.16 -14.01
C GLY B 19 -4.93 33.33 -13.48
N TYR B 20 -5.09 32.08 -13.97
CA TYR B 20 -6.22 31.23 -13.56
C TYR B 20 -5.94 30.45 -12.27
N GLU B 21 -4.68 30.37 -11.84
CA GLU B 21 -4.32 29.67 -10.60
C GLU B 21 -4.07 30.71 -9.51
N ASN B 22 -3.94 30.29 -8.23
CA ASN B 22 -3.67 31.23 -7.12
C ASN B 22 -2.28 31.87 -7.25
N VAL B 23 -1.37 31.15 -7.90
CA VAL B 23 0.01 31.61 -8.09
C VAL B 23 0.37 31.49 -9.59
N PRO B 24 1.29 32.33 -10.12
CA PRO B 24 1.70 32.15 -11.52
C PRO B 24 2.54 30.89 -11.67
N ILE B 25 2.60 30.34 -12.89
CA ILE B 25 3.40 29.15 -13.20
C ILE B 25 4.25 29.56 -14.42
N PRO B 26 5.47 30.08 -14.17
CA PRO B 26 6.31 30.51 -15.29
C PRO B 26 6.91 29.33 -16.07
N CYS B 27 7.33 29.64 -17.29
CA CYS B 27 7.97 28.68 -18.17
C CYS B 27 9.37 29.16 -18.51
N VAL B 28 10.35 28.27 -18.33
CA VAL B 28 11.75 28.55 -18.67
C VAL B 28 12.32 27.46 -19.56
N ASN B 29 13.36 27.77 -20.30
CA ASN B 29 14.04 26.80 -21.14
C ASN B 29 15.53 27.16 -21.20
N GLY B 30 16.33 26.39 -20.47
CA GLY B 30 17.77 26.57 -20.46
C GLY B 30 18.46 25.41 -21.15
N VAL B 31 17.70 24.64 -21.94
CA VAL B 31 18.21 23.44 -22.59
C VAL B 31 18.23 23.57 -24.13
N ASP B 32 17.13 23.98 -24.76
CA ASP B 32 17.10 23.98 -26.22
C ASP B 32 16.27 25.16 -26.79
N GLY B 33 15.96 25.12 -28.09
CA GLY B 33 15.23 26.20 -28.75
C GLY B 33 13.73 26.02 -28.80
N GLU B 34 13.19 25.04 -28.03
CA GLU B 34 11.74 24.78 -28.02
C GLU B 34 10.98 25.98 -27.47
N PRO B 35 10.03 26.52 -28.25
CA PRO B 35 9.27 27.67 -27.74
C PRO B 35 8.24 27.24 -26.69
N CYS B 36 7.69 28.19 -25.95
CA CYS B 36 6.64 27.94 -24.96
C CYS B 36 5.51 27.09 -25.60
N PRO B 37 5.08 25.96 -24.99
CA PRO B 37 4.06 25.12 -25.64
C PRO B 37 2.72 25.84 -25.83
N GLU B 38 2.17 25.79 -27.05
CA GLU B 38 0.89 26.41 -27.39
C GLU B 38 0.02 25.49 -28.24
N ASP B 39 0.29 24.18 -28.21
CA ASP B 39 -0.43 23.13 -28.95
C ASP B 39 -1.54 22.49 -28.10
N TYR B 40 -2.03 23.23 -27.11
CA TYR B 40 -3.13 22.83 -26.20
C TYR B 40 -3.74 24.11 -25.61
N LYS B 41 -4.89 23.98 -24.96
CA LYS B 41 -5.53 25.10 -24.30
C LYS B 41 -5.39 24.91 -22.81
N TYR B 42 -4.70 25.87 -22.10
CA TYR B 42 -4.60 25.77 -20.64
C TYR B 42 -5.97 26.05 -20.01
N ILE B 43 -6.44 25.10 -19.16
CA ILE B 43 -7.72 25.23 -18.40
C ILE B 43 -7.40 24.92 -16.93
N SER B 44 -7.98 25.68 -15.98
CA SER B 44 -7.70 25.45 -14.56
C SER B 44 -8.63 24.40 -13.97
N GLU B 45 -9.84 24.21 -14.58
CA GLU B 45 -10.83 23.24 -14.14
C GLU B 45 -11.23 22.32 -15.31
N ASN B 46 -11.67 21.09 -14.98
CA ASN B 46 -12.06 20.12 -16.00
C ASN B 46 -13.14 20.63 -16.94
N CYS B 47 -13.07 20.21 -18.19
CA CYS B 47 -14.07 20.57 -19.19
C CYS B 47 -14.69 19.33 -19.82
N GLU B 48 -15.72 19.55 -20.66
CA GLU B 48 -16.35 18.48 -21.43
C GLU B 48 -16.59 18.94 -22.84
N THR B 49 -16.45 18.04 -23.81
CA THR B 49 -16.79 18.43 -25.19
C THR B 49 -18.00 17.59 -25.67
N SER B 50 -18.69 16.92 -24.72
CA SER B 50 -19.91 16.13 -24.96
CA SER B 50 -19.91 16.14 -24.96
C SER B 50 -20.72 16.06 -23.65
N THR B 51 -21.98 15.57 -23.72
CA THR B 51 -22.87 15.46 -22.55
C THR B 51 -22.30 14.48 -21.51
N MET B 52 -21.87 15.02 -20.36
CA MET B 52 -21.34 14.25 -19.22
C MET B 52 -22.41 14.14 -18.12
N ASN B 53 -23.19 15.24 -17.98
CA ASN B 53 -24.29 15.38 -17.03
C ASN B 53 -23.83 15.05 -15.59
N ILE B 54 -22.79 15.77 -15.13
CA ILE B 54 -22.28 15.64 -13.77
C ILE B 54 -23.44 15.97 -12.81
N ASP B 55 -23.72 15.07 -11.86
CA ASP B 55 -24.79 15.27 -10.89
C ASP B 55 -24.43 16.44 -9.97
N ARG B 56 -25.08 17.59 -10.23
CA ARG B 56 -24.85 18.79 -9.46
C ARG B 56 -25.96 19.06 -8.45
N ASN B 57 -26.99 18.17 -8.38
CA ASN B 57 -28.12 18.31 -7.45
C ASN B 57 -27.63 18.50 -6.01
N ILE B 58 -27.87 19.70 -5.43
CA ILE B 58 -27.36 20.06 -4.07
C ILE B 58 -27.92 19.09 -2.99
N THR B 59 -29.13 18.49 -3.22
CA THR B 59 -29.78 17.56 -2.27
C THR B 59 -29.12 16.17 -2.31
N HIS B 60 -28.28 15.89 -3.32
CA HIS B 60 -27.54 14.63 -3.46
C HIS B 60 -26.18 14.72 -2.80
N LEU B 61 -25.91 15.82 -2.10
CA LEU B 61 -24.62 15.97 -1.44
C LEU B 61 -24.71 15.51 -0.01
N GLN B 62 -23.79 14.61 0.39
CA GLN B 62 -23.62 14.23 1.79
C GLN B 62 -22.86 15.42 2.47
N HIS B 63 -23.28 15.76 3.64
CA HIS B 63 -22.69 16.96 4.23
C HIS B 63 -22.69 16.88 5.69
N CYS B 64 -21.99 17.79 6.34
CA CYS B 64 -21.81 17.74 7.78
C CYS B 64 -22.56 18.86 8.44
N THR B 65 -22.74 18.69 9.75
CA THR B 65 -23.48 19.69 10.54
C THR B 65 -22.57 20.45 11.53
N CYS B 66 -21.25 20.35 11.37
CA CYS B 66 -20.26 20.96 12.27
C CYS B 66 -20.44 22.44 12.43
N VAL B 67 -20.25 22.90 13.68
CA VAL B 67 -20.26 24.32 14.04
C VAL B 67 -18.82 24.77 14.41
N ASP B 68 -17.86 23.84 14.32
CA ASP B 68 -16.45 24.13 14.57
C ASP B 68 -15.72 24.26 13.20
N ASP B 69 -14.42 23.94 13.15
CA ASP B 69 -13.63 24.01 11.93
C ASP B 69 -13.51 22.64 11.26
N CYS B 70 -14.40 21.69 11.61
CA CYS B 70 -14.41 20.32 11.08
C CYS B 70 -13.11 19.59 11.38
N SER B 71 -12.51 19.85 12.55
CA SER B 71 -11.27 19.18 13.00
C SER B 71 -11.61 17.99 13.94
N SER B 72 -12.91 17.73 14.16
CA SER B 72 -13.28 16.63 15.05
C SER B 72 -13.65 15.37 14.26
N SER B 73 -13.53 14.20 14.92
CA SER B 73 -13.86 12.90 14.34
C SER B 73 -15.36 12.76 14.05
N ASN B 74 -16.19 13.66 14.61
CA ASN B 74 -17.64 13.66 14.43
C ASN B 74 -18.07 14.25 13.09
N CYS B 75 -17.14 14.91 12.35
CA CYS B 75 -17.43 15.48 11.03
C CYS B 75 -17.84 14.36 10.06
N LEU B 76 -19.09 14.44 9.51
CA LEU B 76 -19.64 13.44 8.58
CA LEU B 76 -19.58 13.39 8.62
C LEU B 76 -18.73 13.28 7.37
N CYS B 77 -18.29 14.42 6.81
CA CYS B 77 -17.41 14.40 5.62
C CYS B 77 -16.08 13.70 5.87
N GLY B 78 -15.50 13.87 7.05
CA GLY B 78 -14.29 13.14 7.43
C GLY B 78 -14.61 11.65 7.57
N GLN B 79 -15.76 11.31 8.16
CA GLN B 79 -16.12 9.89 8.29
C GLN B 79 -16.30 9.18 6.94
N LEU B 80 -16.75 9.92 5.88
CA LEU B 80 -16.95 9.37 4.52
C LEU B 80 -15.62 8.91 3.98
N SER B 81 -14.54 9.57 4.45
CA SER B 81 -13.15 9.36 4.10
CA SER B 81 -13.17 9.21 4.06
C SER B 81 -12.45 8.48 5.19
N ILE B 82 -13.24 7.77 6.07
CA ILE B 82 -12.77 7.01 7.26
C ILE B 82 -12.54 8.05 8.37
N ARG B 83 -11.65 9.03 8.09
CA ARG B 83 -11.35 10.20 8.90
C ARG B 83 -10.88 11.32 7.95
N CYS B 84 -10.81 12.55 8.44
CA CYS B 84 -10.22 13.63 7.67
C CYS B 84 -8.72 13.37 7.77
N TRP B 85 -8.05 13.32 6.59
CA TRP B 85 -6.62 13.01 6.52
C TRP B 85 -5.75 14.25 6.52
N TYR B 86 -6.34 15.45 6.61
CA TYR B 86 -5.55 16.67 6.62
C TYR B 86 -5.24 17.12 8.04
N ASP B 87 -3.99 17.52 8.30
CA ASP B 87 -3.54 18.06 9.59
C ASP B 87 -3.94 19.55 9.64
N LYS B 88 -3.56 20.28 10.70
CA LYS B 88 -3.93 21.70 10.85
C LYS B 88 -3.37 22.61 9.72
N ASP B 89 -2.27 22.18 9.06
CA ASP B 89 -1.59 22.92 8.00
C ASP B 89 -2.05 22.47 6.58
N GLY B 90 -3.05 21.59 6.50
CA GLY B 90 -3.62 21.09 5.25
C GLY B 90 -2.83 19.98 4.58
N ARG B 91 -1.96 19.32 5.34
CA ARG B 91 -1.10 18.25 4.83
C ARG B 91 -1.61 16.87 5.22
N LEU B 92 -1.48 15.89 4.30
CA LEU B 92 -1.90 14.51 4.60
C LEU B 92 -1.16 14.02 5.81
N LEU B 93 -1.84 13.23 6.63
CA LEU B 93 -1.25 12.63 7.82
C LEU B 93 -0.18 11.64 7.39
N GLN B 94 0.89 11.49 8.20
CA GLN B 94 2.00 10.57 7.89
C GLN B 94 1.51 9.14 7.63
N GLU B 95 0.48 8.69 8.38
CA GLU B 95 -0.07 7.33 8.32
C GLU B 95 -1.01 7.11 7.11
N PHE B 96 -1.24 8.14 6.27
CA PHE B 96 -2.08 8.05 5.06
C PHE B 96 -1.60 6.94 4.13
N ASN B 97 -2.54 6.16 3.59
CA ASN B 97 -2.23 5.06 2.68
C ASN B 97 -1.89 5.61 1.30
N LYS B 98 -0.60 5.70 0.96
CA LYS B 98 -0.11 6.23 -0.33
C LYS B 98 -0.19 5.21 -1.48
N ILE B 99 -0.34 3.92 -1.18
CA ILE B 99 -0.42 2.85 -2.20
C ILE B 99 -1.83 2.76 -2.76
N GLU B 100 -2.82 2.60 -1.86
CA GLU B 100 -4.23 2.49 -2.15
C GLU B 100 -4.93 3.59 -1.34
N PRO B 101 -4.85 4.86 -1.82
CA PRO B 101 -5.47 5.97 -1.07
C PRO B 101 -6.99 5.89 -1.00
N PRO B 102 -7.59 6.35 0.12
CA PRO B 102 -9.05 6.34 0.20
C PRO B 102 -9.61 7.49 -0.64
N LEU B 103 -10.93 7.46 -0.90
CA LEU B 103 -11.64 8.55 -1.57
C LEU B 103 -11.78 9.63 -0.53
N ILE B 104 -11.44 10.86 -0.87
CA ILE B 104 -11.56 11.98 0.06
C ILE B 104 -12.82 12.75 -0.27
N PHE B 105 -13.68 12.97 0.75
CA PHE B 105 -14.86 13.80 0.55
C PHE B 105 -14.59 15.06 1.30
N GLU B 106 -14.26 16.18 0.58
CA GLU B 106 -14.10 17.50 1.22
C GLU B 106 -15.45 18.08 1.56
N CYS B 107 -15.49 19.16 2.39
CA CYS B 107 -16.76 19.79 2.68
C CYS B 107 -17.22 20.55 1.44
N ASN B 108 -18.48 20.92 1.45
CA ASN B 108 -19.11 21.47 0.29
C ASN B 108 -20.15 22.49 0.69
N GLN B 109 -20.81 23.06 -0.32
CA GLN B 109 -21.83 24.10 -0.22
C GLN B 109 -23.10 23.66 0.58
N ALA B 110 -23.26 22.34 0.91
CA ALA B 110 -24.39 21.88 1.73
C ALA B 110 -24.03 21.74 3.24
N CYS B 111 -22.73 21.64 3.57
CA CYS B 111 -22.23 21.53 4.96
C CYS B 111 -22.54 22.83 5.67
N SER B 112 -22.75 22.78 6.98
CA SER B 112 -23.06 23.98 7.79
C SER B 112 -21.79 24.77 8.14
N CYS B 113 -20.61 24.19 7.88
CA CYS B 113 -19.33 24.79 8.21
C CYS B 113 -18.98 25.98 7.30
N TRP B 114 -17.89 26.67 7.65
CA TRP B 114 -17.39 27.80 6.88
C TRP B 114 -16.44 27.35 5.76
N ARG B 115 -16.28 28.20 4.74
CA ARG B 115 -15.43 27.95 3.57
C ARG B 115 -13.95 27.75 3.97
N ASN B 116 -13.56 28.13 5.20
CA ASN B 116 -12.17 27.99 5.65
C ASN B 116 -11.99 26.85 6.64
N CYS B 117 -12.96 25.90 6.69
CA CYS B 117 -12.85 24.76 7.60
C CYS B 117 -11.60 23.90 7.19
N LYS B 118 -11.21 22.95 8.04
CA LYS B 118 -9.99 22.14 7.85
C LYS B 118 -10.13 21.07 6.76
N ASN B 119 -11.34 20.89 6.21
CA ASN B 119 -11.58 19.87 5.20
C ASN B 119 -11.81 20.47 3.80
N ARG B 120 -10.89 21.36 3.33
CA ARG B 120 -11.09 22.02 2.01
C ARG B 120 -9.78 22.36 1.28
N VAL B 121 -8.77 21.51 1.45
CA VAL B 121 -7.45 21.73 0.87
C VAL B 121 -7.48 21.76 -0.67
N VAL B 122 -8.01 20.70 -1.29
CA VAL B 122 -7.95 20.60 -2.75
C VAL B 122 -8.78 21.69 -3.42
N GLN B 123 -10.00 22.01 -2.89
CA GLN B 123 -10.85 23.08 -3.50
C GLN B 123 -10.28 24.49 -3.37
N SER B 124 -9.25 24.65 -2.50
CA SER B 124 -8.59 25.93 -2.25
C SER B 124 -7.45 26.19 -3.26
N GLY B 125 -7.11 25.18 -4.08
CA GLY B 125 -6.17 25.36 -5.17
C GLY B 125 -4.68 25.29 -4.88
N ILE B 126 -3.87 25.65 -5.89
CA ILE B 126 -2.42 25.59 -5.82
C ILE B 126 -1.92 26.66 -4.84
N LYS B 127 -0.99 26.25 -3.97
CA LYS B 127 -0.34 27.16 -3.03
C LYS B 127 1.18 27.14 -3.16
N VAL B 128 1.76 26.06 -3.73
CA VAL B 128 3.22 25.95 -3.92
C VAL B 128 3.64 26.62 -5.24
N ARG B 129 4.92 27.06 -5.31
CA ARG B 129 5.50 27.67 -6.50
C ARG B 129 6.07 26.58 -7.39
N LEU B 130 5.44 26.41 -8.56
CA LEU B 130 5.82 25.41 -9.58
C LEU B 130 6.41 26.11 -10.80
N GLN B 131 7.10 25.36 -11.65
CA GLN B 131 7.69 25.94 -12.86
C GLN B 131 7.66 24.91 -13.97
N LEU B 132 7.23 25.34 -15.18
CA LEU B 132 7.27 24.51 -16.37
C LEU B 132 8.69 24.72 -16.91
N TYR B 133 9.44 23.64 -17.12
CA TYR B 133 10.82 23.80 -17.58
C TYR B 133 11.23 22.74 -18.56
N ARG B 134 12.30 22.99 -19.30
CA ARG B 134 12.76 22.03 -20.28
C ARG B 134 13.77 21.09 -19.64
N THR B 135 13.45 19.80 -19.72
CA THR B 135 14.28 18.73 -19.15
C THR B 135 15.36 18.31 -20.14
N ALA B 136 16.35 17.53 -19.63
CA ALA B 136 17.45 17.06 -20.46
C ALA B 136 17.05 15.95 -21.42
N LYS B 137 16.14 15.03 -21.00
CA LYS B 137 15.78 13.87 -21.81
C LYS B 137 14.30 13.66 -22.05
N MET B 138 13.41 14.34 -21.30
CA MET B 138 12.00 14.02 -21.44
C MET B 138 11.13 15.15 -21.88
N GLY B 139 11.67 16.12 -22.60
CA GLY B 139 10.85 17.23 -23.07
C GLY B 139 10.55 18.21 -21.96
N TRP B 140 9.31 18.74 -21.91
CA TRP B 140 8.94 19.65 -20.82
C TRP B 140 8.66 18.84 -19.55
N GLY B 141 8.85 19.47 -18.41
CA GLY B 141 8.59 18.87 -17.11
C GLY B 141 8.18 19.95 -16.14
N VAL B 142 7.87 19.57 -14.91
CA VAL B 142 7.41 20.51 -13.91
C VAL B 142 8.27 20.29 -12.72
N ARG B 143 8.77 21.38 -12.15
CA ARG B 143 9.56 21.31 -10.94
C ARG B 143 9.11 22.31 -9.88
N ALA B 144 9.50 22.01 -8.62
CA ALA B 144 9.22 22.81 -7.44
C ALA B 144 10.20 23.97 -7.36
N LEU B 145 9.72 25.18 -7.05
CA LEU B 145 10.59 26.36 -6.90
C LEU B 145 10.77 26.69 -5.41
N GLN B 146 10.45 25.71 -4.55
CA GLN B 146 10.52 25.81 -3.09
C GLN B 146 10.61 24.40 -2.53
N THR B 147 10.96 24.26 -1.24
CA THR B 147 10.98 22.95 -0.59
C THR B 147 9.53 22.67 -0.24
N ILE B 148 9.08 21.43 -0.44
CA ILE B 148 7.69 21.05 -0.19
C ILE B 148 7.65 19.86 0.77
N PRO B 149 7.09 20.02 1.97
CA PRO B 149 7.02 18.88 2.88
C PRO B 149 6.10 17.76 2.38
N GLN B 150 6.37 16.51 2.82
CA GLN B 150 5.55 15.34 2.52
CA GLN B 150 5.54 15.35 2.52
C GLN B 150 4.06 15.67 2.85
N GLY B 151 3.14 15.19 2.02
CA GLY B 151 1.71 15.38 2.23
C GLY B 151 1.10 16.70 1.77
N THR B 152 1.87 17.52 1.04
CA THR B 152 1.35 18.81 0.61
C THR B 152 0.58 18.64 -0.66
N PHE B 153 -0.59 19.31 -0.75
CA PHE B 153 -1.33 19.31 -2.01
C PHE B 153 -0.47 20.13 -3.04
N ILE B 154 -0.28 19.58 -4.23
CA ILE B 154 0.55 20.22 -5.27
C ILE B 154 -0.32 20.84 -6.33
N CYS B 155 -1.06 19.98 -7.05
CA CYS B 155 -1.94 20.38 -8.13
C CYS B 155 -2.88 19.21 -8.49
N GLU B 156 -3.90 19.56 -9.25
CA GLU B 156 -4.92 18.63 -9.73
C GLU B 156 -4.60 18.20 -11.14
N TYR B 157 -5.00 17.01 -11.51
CA TYR B 157 -4.87 16.57 -12.90
C TYR B 157 -6.12 17.06 -13.60
N VAL B 158 -5.99 18.12 -14.41
CA VAL B 158 -7.14 18.74 -15.07
C VAL B 158 -7.09 18.52 -16.57
N GLY B 159 -8.27 18.27 -17.16
CA GLY B 159 -8.40 18.06 -18.59
C GLY B 159 -9.83 17.93 -19.07
N GLU B 160 -9.98 17.30 -20.23
CA GLU B 160 -11.27 17.05 -20.84
C GLU B 160 -11.81 15.73 -20.29
N LEU B 161 -13.05 15.72 -19.76
CA LEU B 161 -13.69 14.48 -19.27
C LEU B 161 -14.22 13.74 -20.47
N ILE B 162 -13.84 12.49 -20.62
CA ILE B 162 -14.25 11.61 -21.74
C ILE B 162 -14.56 10.22 -21.18
N SER B 163 -15.36 9.42 -21.90
CA SER B 163 -15.72 8.09 -21.45
C SER B 163 -14.61 7.15 -21.86
N ASP B 164 -14.62 5.94 -21.30
CA ASP B 164 -13.66 4.90 -21.69
C ASP B 164 -13.79 4.57 -23.17
N ALA B 165 -15.04 4.60 -23.71
CA ALA B 165 -15.36 4.33 -25.13
C ALA B 165 -14.64 5.33 -26.04
N GLU B 166 -14.65 6.63 -25.66
CA GLU B 166 -14.00 7.72 -26.40
C GLU B 166 -12.49 7.63 -26.27
N ALA B 167 -11.98 7.33 -25.06
CA ALA B 167 -10.54 7.14 -24.83
C ALA B 167 -10.02 5.96 -25.69
N ASP B 168 -10.87 4.96 -25.94
CA ASP B 168 -10.48 3.78 -26.71
C ASP B 168 -10.31 4.04 -28.22
N VAL B 169 -10.78 5.21 -28.72
CA VAL B 169 -10.69 5.57 -30.15
C VAL B 169 -9.81 6.81 -30.38
N ARG B 170 -9.34 7.46 -29.30
CA ARG B 170 -8.49 8.63 -29.47
C ARG B 170 -7.05 8.21 -29.80
N GLU B 171 -6.48 8.88 -30.80
CA GLU B 171 -5.15 8.60 -31.32
C GLU B 171 -4.03 8.91 -30.32
N ASP B 172 -3.99 10.15 -29.84
CA ASP B 172 -2.94 10.55 -28.89
C ASP B 172 -3.39 10.26 -27.45
N ASP B 173 -2.91 9.14 -26.90
CA ASP B 173 -3.24 8.70 -25.55
C ASP B 173 -2.12 8.95 -24.53
N SER B 174 -1.20 9.89 -24.80
CA SER B 174 -0.02 10.22 -23.93
C SER B 174 -0.36 11.09 -22.78
N TYR B 175 -1.57 11.66 -22.76
CA TYR B 175 -2.00 12.56 -21.67
C TYR B 175 -3.32 12.07 -21.06
N LEU B 176 -3.45 10.75 -20.90
CA LEU B 176 -4.70 10.22 -20.38
C LEU B 176 -4.53 9.77 -18.97
N PHE B 177 -5.55 10.05 -18.13
CA PHE B 177 -5.61 9.63 -16.74
C PHE B 177 -6.95 8.92 -16.55
N ASP B 178 -6.88 7.63 -16.18
CA ASP B 178 -8.04 6.76 -16.00
C ASP B 178 -8.69 6.96 -14.63
N LEU B 179 -9.99 7.24 -14.59
CA LEU B 179 -10.73 7.38 -13.33
C LEU B 179 -11.44 6.03 -13.16
N ASP B 180 -10.74 5.06 -12.57
CA ASP B 180 -11.23 3.70 -12.36
C ASP B 180 -12.18 3.63 -11.17
CA GLU B 185 -18.55 2.14 -17.37
C GLU B 185 -17.71 3.20 -16.63
N VAL B 186 -16.40 3.25 -16.91
CA VAL B 186 -15.50 4.22 -16.29
C VAL B 186 -15.25 5.42 -17.24
N TYR B 187 -14.68 6.51 -16.67
CA TYR B 187 -14.35 7.73 -17.41
C TYR B 187 -12.89 8.07 -17.25
N CYS B 188 -12.39 8.99 -18.09
CA CYS B 188 -10.98 9.38 -18.16
C CYS B 188 -10.88 10.87 -18.26
N ILE B 189 -9.70 11.40 -17.88
CA ILE B 189 -9.40 12.80 -18.10
C ILE B 189 -8.33 12.80 -19.23
N ASP B 190 -8.64 13.45 -20.35
CA ASP B 190 -7.70 13.54 -21.47
C ASP B 190 -7.15 14.97 -21.44
N ALA B 191 -5.87 15.12 -21.12
CA ALA B 191 -5.26 16.44 -21.07
C ALA B 191 -4.48 16.82 -22.39
N ARG B 192 -4.70 16.07 -23.49
CA ARG B 192 -4.02 16.40 -24.75
C ARG B 192 -4.41 17.76 -25.30
N TYR B 193 -5.71 18.04 -25.44
CA TYR B 193 -6.14 19.27 -26.09
C TYR B 193 -6.44 20.38 -25.11
N TYR B 194 -6.95 20.01 -23.92
CA TYR B 194 -7.31 20.92 -22.85
C TYR B 194 -6.72 20.33 -21.60
N GLY B 195 -5.88 21.08 -20.90
CA GLY B 195 -5.27 20.60 -19.66
C GLY B 195 -4.62 21.70 -18.84
N ASN B 196 -4.22 21.41 -17.59
CA ASN B 196 -3.53 22.39 -16.75
C ASN B 196 -2.04 22.01 -16.69
N ILE B 197 -1.32 22.53 -15.68
CA ILE B 197 0.10 22.27 -15.45
C ILE B 197 0.41 20.75 -15.32
N SER B 198 -0.52 19.95 -14.78
CA SER B 198 -0.34 18.51 -14.58
CA SER B 198 -0.26 18.52 -14.57
C SER B 198 -0.06 17.74 -15.89
N ARG B 199 -0.50 18.29 -17.04
CA ARG B 199 -0.31 17.61 -18.32
C ARG B 199 1.20 17.51 -18.68
N PHE B 200 2.04 18.30 -17.99
CA PHE B 200 3.47 18.36 -18.27
C PHE B 200 4.30 17.53 -17.27
N ILE B 201 3.66 16.96 -16.25
CA ILE B 201 4.37 16.15 -15.25
C ILE B 201 4.82 14.81 -15.86
N ASN B 202 6.13 14.52 -15.74
CA ASN B 202 6.71 13.32 -16.31
C ASN B 202 6.49 12.11 -15.42
N HIS B 203 6.70 10.89 -15.97
CA HIS B 203 6.59 9.65 -15.23
C HIS B 203 7.86 9.41 -14.42
N LEU B 204 7.71 8.95 -13.17
CA LEU B 204 8.86 8.54 -12.37
C LEU B 204 8.53 7.17 -11.79
N CYS B 205 9.47 6.19 -11.87
CA CYS B 205 9.22 4.86 -11.30
C CYS B 205 9.32 4.93 -9.78
N ASP B 206 10.06 5.93 -9.27
CA ASP B 206 10.17 6.23 -7.84
C ASP B 206 9.53 7.62 -7.70
N PRO B 207 8.19 7.71 -7.69
CA PRO B 207 7.55 9.03 -7.73
C PRO B 207 7.63 9.80 -6.43
N ASN B 208 7.47 11.15 -6.52
CA ASN B 208 7.47 12.03 -5.34
C ASN B 208 6.09 12.62 -5.12
N ILE B 209 5.12 12.29 -6.01
CA ILE B 209 3.74 12.73 -5.89
C ILE B 209 2.80 11.55 -6.17
N ILE B 210 1.64 11.58 -5.54
CA ILE B 210 0.65 10.54 -5.68
C ILE B 210 -0.73 11.11 -6.01
N PRO B 211 -1.49 10.43 -6.89
CA PRO B 211 -2.86 10.88 -7.19
C PRO B 211 -3.81 10.37 -6.12
N VAL B 212 -4.75 11.22 -5.71
CA VAL B 212 -5.81 10.90 -4.75
C VAL B 212 -7.12 11.35 -5.38
N ARG B 213 -8.16 10.47 -5.33
CA ARG B 213 -9.50 10.77 -5.84
CA ARG B 213 -9.51 10.77 -5.82
C ARG B 213 -10.24 11.63 -4.79
N VAL B 214 -10.73 12.80 -5.20
CA VAL B 214 -11.39 13.73 -4.29
C VAL B 214 -12.75 14.19 -4.80
N PHE B 215 -13.70 14.40 -3.86
CA PHE B 215 -15.01 14.97 -4.19
C PHE B 215 -15.12 16.31 -3.46
N MET B 216 -15.65 17.33 -4.13
CA MET B 216 -15.79 18.66 -3.54
C MET B 216 -17.18 19.18 -3.77
N LEU B 217 -17.43 19.89 -4.88
CA LEU B 217 -18.74 20.53 -5.16
C LEU B 217 -19.84 19.56 -5.60
N HIS B 218 -19.50 18.35 -6.00
CA HIS B 218 -20.45 17.33 -6.40
C HIS B 218 -19.92 16.05 -5.89
N GLN B 219 -20.78 15.06 -5.78
CA GLN B 219 -20.39 13.73 -5.32
C GLN B 219 -20.79 12.63 -6.34
N ASP B 220 -20.62 12.96 -7.64
CA ASP B 220 -20.87 12.05 -8.75
C ASP B 220 -19.64 11.14 -8.88
N LEU B 221 -19.77 9.86 -8.45
CA LEU B 221 -18.71 8.83 -8.37
C LEU B 221 -18.04 8.46 -9.71
N ARG B 222 -18.64 8.82 -10.83
CA ARG B 222 -18.00 8.64 -12.14
C ARG B 222 -16.88 9.68 -12.28
N PHE B 223 -17.03 10.83 -11.58
CA PHE B 223 -16.09 11.90 -11.80
C PHE B 223 -15.33 12.35 -10.56
N PRO B 224 -14.52 11.48 -9.96
CA PRO B 224 -13.60 11.97 -8.92
C PRO B 224 -12.62 12.98 -9.57
N ARG B 225 -12.18 13.97 -8.80
CA ARG B 225 -11.14 14.91 -9.24
C ARG B 225 -9.83 14.34 -8.71
N ILE B 226 -8.75 14.48 -9.51
CA ILE B 226 -7.47 13.86 -9.18
CA ILE B 226 -7.48 13.85 -9.14
C ILE B 226 -6.54 14.89 -8.58
N ALA B 227 -6.20 14.74 -7.33
CA ALA B 227 -5.34 15.66 -6.62
C ALA B 227 -3.99 15.01 -6.39
N PHE B 228 -2.90 15.69 -6.76
CA PHE B 228 -1.54 15.20 -6.48
C PHE B 228 -1.08 15.80 -5.16
N PHE B 229 -0.56 14.95 -4.29
CA PHE B 229 0.02 15.32 -2.99
C PHE B 229 1.43 14.75 -2.99
N SER B 230 2.39 15.45 -2.35
CA SER B 230 3.78 14.96 -2.27
C SER B 230 3.81 13.69 -1.38
N SER B 231 4.50 12.63 -1.88
CA SER B 231 4.60 11.35 -1.16
C SER B 231 5.79 11.35 -0.19
N ARG B 232 6.64 12.39 -0.30
N ARG B 232 6.65 12.39 -0.30
CA ARG B 232 7.84 12.60 0.52
CA ARG B 232 7.85 12.59 0.50
C ARG B 232 8.25 14.08 0.47
C ARG B 232 8.26 14.08 0.45
N ASP B 233 9.25 14.50 1.26
CA ASP B 233 9.76 15.88 1.24
C ASP B 233 10.40 16.12 -0.15
N ILE B 234 10.05 17.25 -0.78
CA ILE B 234 10.56 17.61 -2.11
C ILE B 234 11.50 18.80 -1.94
N ARG B 235 12.69 18.73 -2.54
CA ARG B 235 13.68 19.80 -2.44
C ARG B 235 13.40 20.84 -3.50
N THR B 236 13.87 22.10 -3.30
N THR B 236 13.87 22.10 -3.30
CA THR B 236 13.75 23.18 -4.30
CA THR B 236 13.72 23.14 -4.31
C THR B 236 14.47 22.72 -5.59
C THR B 236 14.46 22.70 -5.59
N GLY B 237 13.83 22.94 -6.74
CA GLY B 237 14.35 22.58 -8.05
C GLY B 237 14.09 21.15 -8.47
N GLU B 238 13.56 20.31 -7.55
CA GLU B 238 13.30 18.91 -7.84
C GLU B 238 12.14 18.75 -8.82
N GLU B 239 12.31 17.88 -9.84
CA GLU B 239 11.22 17.68 -10.81
C GLU B 239 10.14 16.80 -10.19
N LEU B 240 8.88 17.13 -10.50
CA LEU B 240 7.75 16.35 -10.06
C LEU B 240 7.54 15.17 -10.99
N GLY B 241 7.06 14.08 -10.42
CA GLY B 241 6.72 12.90 -11.21
C GLY B 241 5.83 11.96 -10.43
N PHE B 242 4.83 11.42 -11.11
CA PHE B 242 3.94 10.41 -10.57
C PHE B 242 4.15 9.13 -11.41
N ASP B 243 3.63 8.01 -10.92
CA ASP B 243 3.76 6.74 -11.62
C ASP B 243 2.56 6.64 -12.55
N TYR B 244 2.80 6.70 -13.86
CA TYR B 244 1.73 6.64 -14.86
C TYR B 244 0.99 5.31 -14.83
N GLY B 245 1.66 4.27 -14.36
CA GLY B 245 1.07 2.96 -14.20
C GLY B 245 1.28 2.01 -15.35
N ASP B 246 0.78 0.78 -15.16
CA ASP B 246 0.97 -0.33 -16.07
C ASP B 246 0.21 -0.23 -17.38
N ARG B 247 -1.01 0.36 -17.41
CA ARG B 247 -1.73 0.51 -18.68
C ARG B 247 -0.90 1.40 -19.60
N PHE B 248 -0.42 2.55 -19.10
CA PHE B 248 0.40 3.46 -19.90
C PHE B 248 1.61 2.75 -20.51
N TRP B 249 2.42 2.08 -19.66
CA TRP B 249 3.66 1.49 -20.13
C TRP B 249 3.43 0.20 -20.93
N ASP B 250 2.34 -0.54 -20.67
CA ASP B 250 2.07 -1.75 -21.46
C ASP B 250 1.83 -1.40 -22.92
N ILE B 251 1.32 -0.18 -23.17
CA ILE B 251 1.08 0.31 -24.52
C ILE B 251 2.32 1.01 -25.10
N LYS B 252 2.95 1.91 -24.32
CA LYS B 252 4.05 2.73 -24.82
C LYS B 252 5.41 2.07 -24.81
N SER B 253 5.67 1.04 -24.00
CA SER B 253 7.01 0.42 -23.92
C SER B 253 7.55 -0.03 -25.29
N LYS B 254 6.65 -0.40 -26.22
CA LYS B 254 6.98 -0.86 -27.58
C LYS B 254 7.62 0.27 -28.41
N TYR B 255 7.18 1.54 -28.15
CA TYR B 255 7.58 2.74 -28.88
C TYR B 255 8.73 3.53 -28.25
N PHE B 256 8.83 3.57 -26.90
CA PHE B 256 9.91 4.25 -26.18
C PHE B 256 10.03 3.70 -24.77
N THR B 257 11.21 3.86 -24.18
CA THR B 257 11.49 3.32 -22.85
C THR B 257 11.63 4.47 -21.84
N CYS B 258 11.52 4.13 -20.56
CA CYS B 258 11.59 5.06 -19.46
C CYS B 258 13.00 5.58 -19.28
N GLN B 259 13.11 6.90 -19.14
CA GLN B 259 14.41 7.56 -18.94
C GLN B 259 14.54 8.14 -17.52
N CYS B 260 13.73 7.66 -16.53
CA CYS B 260 13.73 8.25 -15.18
C CYS B 260 15.11 8.10 -14.50
N GLY B 261 15.89 7.09 -14.86
CA GLY B 261 17.25 6.90 -14.35
C GLY B 261 17.40 6.33 -12.96
N SER B 262 16.30 5.93 -12.34
CA SER B 262 16.27 5.37 -11.00
C SER B 262 16.78 3.94 -11.00
N GLU B 263 17.35 3.48 -9.86
CA GLU B 263 17.79 2.09 -9.72
C GLU B 263 16.52 1.22 -9.59
N LYS B 264 15.41 1.87 -9.23
CA LYS B 264 14.08 1.29 -9.05
C LYS B 264 13.27 1.32 -10.37
N CYS B 265 13.89 1.73 -11.49
CA CYS B 265 13.18 1.86 -12.76
C CYS B 265 12.65 0.51 -13.27
N LYS B 266 11.33 0.47 -13.62
CA LYS B 266 10.66 -0.77 -14.10
C LYS B 266 10.28 -0.74 -15.60
N HIS B 267 10.67 0.31 -16.36
CA HIS B 267 10.23 0.51 -17.73
C HIS B 267 11.36 1.00 -18.69
N SER B 268 12.62 0.88 -18.28
CA SER B 268 13.78 1.21 -19.11
C SER B 268 14.03 0.05 -20.10
N ALA B 269 14.90 0.27 -21.11
CA ALA B 269 15.25 -0.73 -22.09
C ALA B 269 15.83 -1.94 -21.36
N GLU B 270 16.61 -1.69 -20.27
CA GLU B 270 17.21 -2.73 -19.44
C GLU B 270 16.10 -3.49 -18.69
N ALA B 271 15.10 -2.78 -18.15
CA ALA B 271 13.99 -3.42 -17.45
C ALA B 271 13.10 -4.25 -18.41
N ILE B 272 12.86 -3.73 -19.65
CA ILE B 272 12.07 -4.43 -20.68
C ILE B 272 12.82 -5.68 -21.15
N ALA B 273 14.17 -5.59 -21.35
CA ALA B 273 15.01 -6.72 -21.74
C ALA B 273 14.95 -7.86 -20.71
N LEU B 274 14.99 -7.50 -19.42
CA LEU B 274 14.92 -8.46 -18.30
C LEU B 274 13.55 -9.15 -18.28
N GLU B 275 12.46 -8.35 -18.45
CA GLU B 275 11.09 -8.86 -18.43
C GLU B 275 10.81 -9.83 -19.60
N GLN B 276 11.24 -9.48 -20.83
CA GLN B 276 11.05 -10.31 -22.03
C GLN B 276 11.78 -11.64 -21.97
N SER B 277 13.04 -11.68 -21.43
CA SER B 277 13.82 -12.91 -21.29
C SER B 277 13.19 -13.82 -20.22
N ARG B 278 12.51 -13.20 -19.24
CA ARG B 278 11.78 -13.85 -18.15
C ARG B 278 10.56 -14.58 -18.73
N LEU B 279 9.66 -13.84 -19.44
CA LEU B 279 8.44 -14.37 -20.06
C LEU B 279 8.75 -15.34 -21.20
N ILE C 6 -3.59 -4.37 43.21
CA ILE C 6 -2.80 -3.88 42.09
C ILE C 6 -1.96 -5.07 41.50
N ARG C 7 -2.24 -5.42 40.23
CA ARG C 7 -1.59 -6.55 39.55
C ARG C 7 -0.23 -6.17 38.96
N THR C 8 0.78 -7.03 39.19
CA THR C 8 2.13 -6.85 38.63
C THR C 8 2.38 -7.97 37.60
N GLU C 9 3.30 -7.71 36.67
CA GLU C 9 3.58 -8.64 35.60
C GLU C 9 4.51 -9.77 36.04
N LYS C 10 4.05 -11.02 35.93
CA LYS C 10 4.86 -12.21 36.24
C LYS C 10 5.46 -12.83 34.96
N ILE C 11 6.68 -13.39 35.03
CA ILE C 11 7.27 -14.14 33.92
C ILE C 11 6.81 -15.57 34.18
N ILE C 12 5.96 -16.12 33.30
N ILE C 12 5.99 -16.10 33.30
CA ILE C 12 5.40 -17.46 33.53
CA ILE C 12 5.40 -17.40 33.48
C ILE C 12 5.95 -18.53 32.54
C ILE C 12 6.20 -18.50 32.74
N CYS C 13 6.88 -18.15 31.63
CA CYS C 13 7.64 -19.06 30.77
C CYS C 13 8.85 -18.33 30.20
N ARG C 14 10.06 -18.85 30.44
CA ARG C 14 11.25 -18.22 29.86
C ARG C 14 11.25 -18.36 28.33
N ASP C 15 10.67 -19.46 27.78
CA ASP C 15 10.67 -19.74 26.33
C ASP C 15 9.63 -20.78 26.01
N VAL C 16 8.55 -20.33 25.37
CA VAL C 16 7.47 -21.26 25.00
C VAL C 16 7.91 -22.18 23.87
N ALA C 17 9.01 -21.80 23.16
CA ALA C 17 9.48 -22.58 22.02
C ALA C 17 10.46 -23.69 22.47
N ARG C 18 10.78 -23.74 23.77
CA ARG C 18 11.70 -24.74 24.35
C ARG C 18 13.05 -24.85 23.59
N GLY C 19 13.64 -23.74 23.19
CA GLY C 19 14.94 -23.74 22.52
C GLY C 19 14.89 -24.00 21.02
N TYR C 20 13.67 -24.21 20.47
CA TYR C 20 13.58 -24.51 19.04
C TYR C 20 13.71 -23.30 18.11
N GLU C 21 13.51 -22.06 18.59
CA GLU C 21 13.65 -20.90 17.71
C GLU C 21 15.06 -20.33 17.83
N ASN C 22 15.45 -19.37 16.98
CA ASN C 22 16.78 -18.75 17.06
C ASN C 22 16.88 -17.91 18.33
N VAL C 23 15.71 -17.43 18.82
CA VAL C 23 15.65 -16.60 20.03
C VAL C 23 14.67 -17.19 21.01
N PRO C 24 14.76 -16.89 22.33
CA PRO C 24 13.68 -17.35 23.23
C PRO C 24 12.43 -16.48 23.01
N ILE C 25 11.26 -17.06 23.28
CA ILE C 25 9.98 -16.35 23.21
C ILE C 25 9.31 -16.47 24.60
N PRO C 26 9.57 -15.49 25.50
CA PRO C 26 9.01 -15.59 26.86
C PRO C 26 7.52 -15.31 26.90
N CYS C 27 6.90 -15.73 28.01
CA CYS C 27 5.49 -15.51 28.24
C CYS C 27 5.34 -14.74 29.56
N VAL C 28 4.57 -13.66 29.55
CA VAL C 28 4.31 -12.87 30.76
C VAL C 28 2.83 -12.70 30.97
N ASN C 29 2.43 -12.40 32.21
CA ASN C 29 1.03 -12.07 32.52
C ASN C 29 0.95 -11.07 33.66
N GLY C 30 0.41 -9.88 33.35
CA GLY C 30 0.18 -8.84 34.34
C GLY C 30 -1.29 -8.43 34.40
N VAL C 31 -2.18 -9.32 33.89
CA VAL C 31 -3.61 -9.04 33.81
C VAL C 31 -4.42 -9.95 34.75
N ASP C 32 -4.13 -11.27 34.75
CA ASP C 32 -4.91 -12.21 35.57
C ASP C 32 -4.04 -13.41 36.02
N GLY C 33 -4.69 -14.44 36.54
CA GLY C 33 -4.01 -15.62 37.07
C GLY C 33 -3.82 -16.76 36.09
N GLU C 34 -4.14 -16.56 34.81
CA GLU C 34 -3.99 -17.62 33.79
C GLU C 34 -2.54 -18.06 33.66
N PRO C 35 -2.23 -19.36 33.85
CA PRO C 35 -0.83 -19.78 33.75
C PRO C 35 -0.40 -19.93 32.29
N CYS C 36 0.84 -20.34 32.08
CA CYS C 36 1.39 -20.61 30.76
C CYS C 36 0.44 -21.49 29.93
N PRO C 37 0.05 -21.11 28.70
CA PRO C 37 -0.82 -22.00 27.89
C PRO C 37 -0.12 -23.34 27.57
N GLU C 38 -0.73 -24.45 27.99
CA GLU C 38 -0.19 -25.80 27.78
C GLU C 38 -1.23 -26.74 27.12
N ASP C 39 -2.28 -26.18 26.47
CA ASP C 39 -3.34 -26.94 25.78
C ASP C 39 -3.01 -27.19 24.28
N TYR C 40 -1.73 -27.13 23.92
CA TYR C 40 -1.27 -27.34 22.55
C TYR C 40 0.16 -27.83 22.63
N LYS C 41 0.68 -28.30 21.51
CA LYS C 41 2.09 -28.70 21.44
C LYS C 41 2.85 -27.65 20.59
N TYR C 42 3.85 -26.95 21.20
CA TYR C 42 4.66 -26.00 20.42
C TYR C 42 5.54 -26.79 19.43
N ILE C 43 5.49 -26.41 18.16
CA ILE C 43 6.32 -26.97 17.06
C ILE C 43 6.87 -25.78 16.28
N SER C 44 8.16 -25.82 15.90
CA SER C 44 8.78 -24.70 15.17
C SER C 44 8.59 -24.84 13.67
N GLU C 45 8.25 -26.07 13.19
CA GLU C 45 8.04 -26.35 11.77
C GLU C 45 6.74 -27.12 11.61
N ASN C 46 6.06 -26.92 10.46
CA ASN C 46 4.78 -27.57 10.17
C ASN C 46 4.89 -29.07 10.37
N CYS C 47 3.80 -29.69 10.89
CA CYS C 47 3.79 -31.13 11.09
C CYS C 47 2.66 -31.75 10.26
N GLU C 48 2.74 -33.09 10.07
CA GLU C 48 1.75 -33.93 9.41
C GLU C 48 1.19 -34.92 10.43
N THR C 49 -0.13 -35.19 10.41
CA THR C 49 -0.76 -36.21 11.24
C THR C 49 -1.45 -37.29 10.36
N SER C 50 -1.25 -37.16 9.03
CA SER C 50 -1.74 -38.04 7.96
CA SER C 50 -1.68 -38.09 7.99
C SER C 50 -0.75 -37.91 6.80
N THR C 51 -0.76 -38.85 5.84
CA THR C 51 0.13 -38.79 4.68
C THR C 51 -0.29 -37.64 3.75
N MET C 52 0.58 -36.63 3.60
CA MET C 52 0.27 -35.49 2.72
CA MET C 52 0.29 -35.47 2.73
C MET C 52 0.93 -35.65 1.35
N ASN C 53 1.96 -36.52 1.28
CA ASN C 53 2.69 -36.81 0.04
C ASN C 53 3.23 -35.52 -0.63
N ILE C 54 3.92 -34.69 0.17
CA ILE C 54 4.52 -33.46 -0.33
C ILE C 54 5.60 -33.86 -1.33
N ASP C 55 5.68 -33.15 -2.47
CA ASP C 55 6.68 -33.45 -3.48
C ASP C 55 8.04 -32.94 -3.00
N ARG C 56 8.90 -33.87 -2.56
CA ARG C 56 10.23 -33.55 -2.02
CA ARG C 56 10.23 -33.51 -2.04
C ARG C 56 11.34 -33.95 -3.00
N ASN C 57 10.97 -34.35 -4.22
CA ASN C 57 11.95 -34.78 -5.22
C ASN C 57 12.92 -33.61 -5.59
N ILE C 58 14.24 -33.79 -5.29
CA ILE C 58 15.20 -32.69 -5.52
C ILE C 58 15.26 -32.24 -7.01
N THR C 59 15.00 -33.15 -7.97
CA THR C 59 15.06 -32.83 -9.40
C THR C 59 13.82 -32.03 -9.86
N HIS C 60 12.80 -31.88 -9.00
CA HIS C 60 11.59 -31.10 -9.39
C HIS C 60 11.76 -29.65 -8.96
N LEU C 61 12.89 -29.34 -8.29
CA LEU C 61 13.15 -27.99 -7.82
C LEU C 61 13.64 -27.08 -8.93
N GLN C 62 13.01 -25.91 -9.10
CA GLN C 62 13.56 -24.88 -9.97
C GLN C 62 14.64 -24.23 -9.10
N HIS C 63 15.77 -23.92 -9.69
CA HIS C 63 16.93 -23.44 -8.94
C HIS C 63 17.83 -22.53 -9.79
N CYS C 64 18.69 -21.73 -9.15
CA CYS C 64 19.52 -20.77 -9.89
C CYS C 64 20.93 -21.29 -10.13
N THR C 65 21.67 -20.61 -11.04
CA THR C 65 23.05 -20.94 -11.44
C THR C 65 24.05 -19.86 -10.92
N CYS C 66 23.61 -18.99 -9.99
CA CYS C 66 24.35 -17.89 -9.39
C CYS C 66 25.60 -18.36 -8.64
N VAL C 67 26.71 -17.63 -8.87
CA VAL C 67 27.99 -17.78 -8.18
C VAL C 67 28.16 -16.64 -7.16
N ASP C 68 27.42 -15.54 -7.36
CA ASP C 68 27.45 -14.39 -6.48
C ASP C 68 26.50 -14.61 -5.28
N ASP C 69 26.02 -13.52 -4.64
CA ASP C 69 25.11 -13.61 -3.48
C ASP C 69 23.66 -13.63 -3.89
N CYS C 70 23.36 -13.89 -5.16
CA CYS C 70 21.97 -13.83 -5.74
C CYS C 70 21.30 -12.44 -5.65
N SER C 71 22.07 -11.35 -5.77
CA SER C 71 21.49 -10.00 -5.76
C SER C 71 21.24 -9.44 -7.18
N SER C 72 21.71 -10.15 -8.22
CA SER C 72 21.54 -9.72 -9.62
C SER C 72 20.20 -10.24 -10.18
N SER C 73 19.76 -9.67 -11.32
CA SER C 73 18.51 -10.04 -11.99
C SER C 73 18.62 -11.35 -12.81
N ASN C 74 19.81 -11.97 -12.86
CA ASN C 74 20.04 -13.24 -13.54
C ASN C 74 19.60 -14.44 -12.69
N CYS C 75 19.30 -14.18 -11.39
CA CYS C 75 18.87 -15.24 -10.46
C CYS C 75 17.49 -15.75 -10.84
N LEU C 76 17.40 -17.03 -11.29
CA LEU C 76 16.13 -17.68 -11.67
C LEU C 76 15.12 -17.68 -10.52
N CYS C 77 15.60 -17.91 -9.30
CA CYS C 77 14.76 -17.95 -8.11
C CYS C 77 14.05 -16.62 -7.89
N GLY C 78 14.76 -15.49 -8.05
CA GLY C 78 14.16 -14.15 -7.97
C GLY C 78 13.16 -13.95 -9.11
N GLN C 79 13.50 -14.41 -10.33
CA GLN C 79 12.64 -14.30 -11.52
C GLN C 79 11.30 -15.07 -11.35
N LEU C 80 11.29 -16.13 -10.53
CA LEU C 80 10.06 -16.89 -10.25
C LEU C 80 8.98 -16.03 -9.54
N SER C 81 9.37 -14.86 -9.00
CA SER C 81 8.45 -13.88 -8.39
C SER C 81 8.64 -12.52 -9.05
N ILE C 82 8.95 -12.51 -10.36
CA ILE C 82 9.30 -11.35 -11.20
C ILE C 82 10.71 -10.90 -10.77
N ARG C 83 10.92 -10.69 -9.44
CA ARG C 83 12.20 -10.30 -8.86
C ARG C 83 12.30 -10.74 -7.41
N CYS C 84 13.54 -10.84 -6.90
CA CYS C 84 13.77 -11.09 -5.49
C CYS C 84 13.28 -9.83 -4.78
N TRP C 85 12.39 -9.99 -3.81
CA TRP C 85 11.80 -8.82 -3.17
C TRP C 85 12.56 -8.41 -1.91
N TYR C 86 13.68 -9.06 -1.64
CA TYR C 86 14.47 -8.73 -0.46
C TYR C 86 15.57 -7.74 -0.75
N ASP C 87 15.73 -6.73 0.12
CA ASP C 87 16.84 -5.78 0.02
C ASP C 87 18.10 -6.38 0.67
N LYS C 88 19.20 -5.59 0.77
CA LYS C 88 20.48 -6.05 1.35
C LYS C 88 20.35 -6.48 2.82
N ASP C 89 19.35 -5.93 3.54
CA ASP C 89 19.13 -6.23 4.97
C ASP C 89 18.03 -7.30 5.17
N GLY C 90 17.64 -7.94 4.08
CA GLY C 90 16.63 -8.99 4.10
C GLY C 90 15.21 -8.52 4.35
N ARG C 91 14.92 -7.27 4.02
CA ARG C 91 13.57 -6.72 4.21
C ARG C 91 12.88 -6.57 2.88
N LEU C 92 11.54 -6.77 2.84
CA LEU C 92 10.78 -6.59 1.60
C LEU C 92 10.95 -5.17 1.10
N LEU C 93 11.05 -5.01 -0.22
CA LEU C 93 11.19 -3.70 -0.86
C LEU C 93 9.92 -2.88 -0.57
N GLN C 94 10.07 -1.56 -0.41
CA GLN C 94 8.96 -0.65 -0.12
C GLN C 94 7.81 -0.79 -1.16
N GLU C 95 8.14 -1.17 -2.41
CA GLU C 95 7.19 -1.35 -3.52
C GLU C 95 6.53 -2.76 -3.53
N PHE C 96 6.82 -3.62 -2.54
CA PHE C 96 6.22 -4.97 -2.45
C PHE C 96 4.71 -4.84 -2.37
N ASN C 97 3.99 -5.68 -3.14
CA ASN C 97 2.53 -5.67 -3.14
C ASN C 97 2.02 -6.31 -1.83
N LYS C 98 1.53 -5.49 -0.89
CA LYS C 98 1.07 -5.95 0.43
C LYS C 98 -0.37 -6.45 0.40
N ILE C 99 -1.16 -6.06 -0.62
CA ILE C 99 -2.55 -6.46 -0.80
C ILE C 99 -2.61 -7.82 -1.54
N GLU C 100 -1.88 -7.93 -2.67
CA GLU C 100 -1.83 -9.12 -3.52
C GLU C 100 -0.37 -9.58 -3.63
N PRO C 101 0.23 -10.15 -2.54
CA PRO C 101 1.64 -10.54 -2.62
C PRO C 101 1.94 -11.64 -3.62
N PRO C 102 3.11 -11.59 -4.31
CA PRO C 102 3.46 -12.69 -5.22
C PRO C 102 3.95 -13.89 -4.40
N LEU C 103 4.04 -15.08 -5.02
CA LEU C 103 4.60 -16.27 -4.36
C LEU C 103 6.10 -16.00 -4.34
N ILE C 104 6.77 -16.24 -3.20
CA ILE C 104 8.21 -16.04 -3.12
C ILE C 104 8.91 -17.38 -3.22
N PHE C 105 9.88 -17.50 -4.13
CA PHE C 105 10.70 -18.72 -4.24
C PHE C 105 12.09 -18.41 -3.74
N GLU C 106 12.40 -18.83 -2.50
CA GLU C 106 13.75 -18.64 -1.91
C GLU C 106 14.71 -19.68 -2.51
N CYS C 107 16.02 -19.40 -2.40
CA CYS C 107 17.00 -20.37 -2.88
C CYS C 107 16.94 -21.63 -2.04
N ASN C 108 17.41 -22.72 -2.63
CA ASN C 108 17.28 -24.02 -2.02
C ASN C 108 18.53 -24.85 -2.22
N GLN C 109 18.44 -26.11 -1.83
CA GLN C 109 19.54 -27.07 -1.88
C GLN C 109 19.97 -27.44 -3.31
N ALA C 110 19.16 -27.12 -4.33
CA ALA C 110 19.53 -27.37 -5.73
C ALA C 110 20.32 -26.19 -6.35
N CYS C 111 20.18 -24.95 -5.80
CA CYS C 111 20.90 -23.75 -6.29
C CYS C 111 22.40 -23.88 -6.12
N SER C 112 23.17 -23.26 -7.03
CA SER C 112 24.63 -23.31 -6.95
C SER C 112 25.15 -22.31 -5.90
N CYS C 113 24.29 -21.38 -5.44
CA CYS C 113 24.64 -20.33 -4.48
C CYS C 113 24.91 -20.90 -3.08
N TRP C 114 25.42 -20.03 -2.20
CA TRP C 114 25.74 -20.37 -0.82
C TRP C 114 24.50 -20.18 0.05
N ARG C 115 24.48 -20.86 1.20
CA ARG C 115 23.38 -20.82 2.16
C ARG C 115 23.16 -19.39 2.73
N ASN C 116 24.10 -18.44 2.50
CA ASN C 116 23.93 -17.07 3.00
C ASN C 116 23.67 -16.08 1.85
N CYS C 117 23.14 -16.56 0.69
CA CYS C 117 22.85 -15.60 -0.39
C CYS C 117 21.72 -14.67 0.11
N LYS C 118 21.34 -13.67 -0.68
CA LYS C 118 20.34 -12.66 -0.29
C LYS C 118 18.87 -13.13 -0.45
N ASN C 119 18.64 -14.35 -0.94
CA ASN C 119 17.31 -14.91 -1.14
C ASN C 119 17.06 -16.12 -0.14
N ARG C 120 17.25 -15.87 1.18
CA ARG C 120 17.18 -16.90 2.22
C ARG C 120 16.55 -16.42 3.52
N VAL C 121 15.81 -15.33 3.47
CA VAL C 121 15.26 -14.68 4.66
C VAL C 121 14.35 -15.63 5.54
N VAL C 122 13.24 -16.20 5.00
CA VAL C 122 12.29 -16.99 5.77
C VAL C 122 12.92 -18.31 6.27
N GLN C 123 13.75 -18.95 5.46
CA GLN C 123 14.40 -20.21 5.88
C GLN C 123 15.44 -20.02 6.99
N SER C 124 15.84 -18.75 7.24
CA SER C 124 16.81 -18.42 8.29
C SER C 124 16.14 -18.21 9.65
N GLY C 125 14.80 -18.17 9.67
CA GLY C 125 14.06 -18.08 10.92
C GLY C 125 13.89 -16.75 11.61
N ILE C 126 13.40 -16.83 12.85
CA ILE C 126 13.08 -15.64 13.66
C ILE C 126 14.34 -14.89 14.07
N LYS C 127 14.32 -13.56 13.88
CA LYS C 127 15.41 -12.69 14.29
C LYS C 127 14.93 -11.58 15.21
N VAL C 128 13.65 -11.23 15.16
CA VAL C 128 13.12 -10.18 16.01
C VAL C 128 12.75 -10.73 17.39
N ARG C 129 12.78 -9.88 18.43
CA ARG C 129 12.41 -10.29 19.78
CA ARG C 129 12.41 -10.28 19.79
C ARG C 129 10.92 -10.06 19.99
N LEU C 130 10.21 -11.14 20.28
CA LEU C 130 8.77 -11.18 20.50
C LEU C 130 8.48 -11.68 21.92
N GLN C 131 7.27 -11.42 22.38
CA GLN C 131 6.83 -11.86 23.70
C GLN C 131 5.37 -12.21 23.63
N LEU C 132 5.05 -13.34 24.25
CA LEU C 132 3.68 -13.82 24.41
C LEU C 132 3.22 -13.15 25.72
N TYR C 133 2.10 -12.44 25.66
CA TYR C 133 1.62 -11.72 26.84
C TYR C 133 0.10 -11.75 26.96
N ARG C 134 -0.39 -11.46 28.15
CA ARG C 134 -1.81 -11.49 28.36
C ARG C 134 -2.32 -10.09 28.06
N THR C 135 -3.27 -9.99 27.10
CA THR C 135 -3.89 -8.74 26.69
C THR C 135 -5.00 -8.41 27.66
N ALA C 136 -5.47 -7.16 27.64
CA ALA C 136 -6.57 -6.75 28.52
C ALA C 136 -7.93 -7.35 28.15
N LYS C 137 -8.22 -7.63 26.84
CA LYS C 137 -9.55 -8.10 26.41
C LYS C 137 -9.56 -9.28 25.40
N MET C 138 -8.39 -9.60 24.82
CA MET C 138 -8.33 -10.61 23.78
C MET C 138 -7.58 -11.88 24.15
N GLY C 139 -7.48 -12.21 25.44
CA GLY C 139 -6.76 -13.40 25.88
C GLY C 139 -5.27 -13.22 25.65
N TRP C 140 -4.55 -14.27 25.17
CA TRP C 140 -3.12 -14.11 24.90
C TRP C 140 -2.90 -13.38 23.57
N GLY C 141 -1.78 -12.70 23.46
CA GLY C 141 -1.40 -12.00 22.25
C GLY C 141 0.12 -11.95 22.14
N VAL C 142 0.63 -11.46 21.03
CA VAL C 142 2.07 -11.45 20.78
C VAL C 142 2.50 -10.01 20.51
N ARG C 143 3.53 -9.53 21.21
CA ARG C 143 4.01 -8.17 20.96
C ARG C 143 5.51 -8.10 20.68
N ALA C 144 5.90 -7.00 20.02
CA ALA C 144 7.28 -6.72 19.65
C ALA C 144 8.04 -6.21 20.89
N LEU C 145 9.26 -6.73 21.12
CA LEU C 145 10.13 -6.24 22.21
C LEU C 145 11.19 -5.27 21.68
N GLN C 146 11.06 -4.88 20.41
CA GLN C 146 11.97 -3.94 19.75
C GLN C 146 11.23 -3.24 18.63
N THR C 147 11.80 -2.15 18.11
CA THR C 147 11.22 -1.48 16.96
C THR C 147 11.49 -2.41 15.77
N ILE C 148 10.49 -2.58 14.91
CA ILE C 148 10.64 -3.42 13.74
C ILE C 148 10.38 -2.61 12.47
N PRO C 149 11.36 -2.40 11.58
CA PRO C 149 11.08 -1.67 10.35
C PRO C 149 10.16 -2.43 9.39
N GLN C 150 9.47 -1.69 8.55
CA GLN C 150 8.59 -2.21 7.49
C GLN C 150 9.36 -3.21 6.63
N GLY C 151 8.70 -4.31 6.30
CA GLY C 151 9.20 -5.36 5.43
C GLY C 151 10.03 -6.42 6.10
N THR C 152 10.11 -6.41 7.45
CA THR C 152 10.93 -7.40 8.18
C THR C 152 10.21 -8.69 8.37
N PHE C 153 10.93 -9.81 8.18
CA PHE C 153 10.34 -11.11 8.48
C PHE C 153 10.09 -11.23 10.02
N ILE C 154 8.86 -11.62 10.42
CA ILE C 154 8.55 -11.69 11.84
C ILE C 154 8.61 -13.13 12.32
N CYS C 155 7.68 -13.97 11.78
CA CYS C 155 7.58 -15.39 12.11
C CYS C 155 6.74 -16.08 11.02
N GLU C 156 6.74 -17.41 11.07
CA GLU C 156 5.99 -18.23 10.14
C GLU C 156 4.70 -18.68 10.84
N TYR C 157 3.61 -18.86 10.05
CA TYR C 157 2.36 -19.43 10.60
C TYR C 157 2.56 -20.94 10.54
N VAL C 158 2.86 -21.55 11.70
CA VAL C 158 3.21 -22.99 11.78
C VAL C 158 2.07 -23.78 12.45
N GLY C 159 1.79 -24.98 11.96
CA GLY C 159 0.78 -25.83 12.53
C GLY C 159 0.67 -27.18 11.84
N GLU C 160 -0.44 -27.83 12.06
CA GLU C 160 -0.73 -29.14 11.49
C GLU C 160 -1.30 -28.97 10.07
N LEU C 161 -0.70 -29.66 9.08
CA LEU C 161 -1.22 -29.58 7.71
C LEU C 161 -2.44 -30.47 7.59
N ILE C 162 -3.57 -29.93 7.11
CA ILE C 162 -4.80 -30.70 6.99
C ILE C 162 -5.45 -30.37 5.68
N SER C 163 -6.28 -31.28 5.18
CA SER C 163 -7.00 -31.05 3.94
C SER C 163 -8.24 -30.18 4.25
N ASP C 164 -8.85 -29.65 3.18
CA ASP C 164 -10.12 -28.91 3.07
C ASP C 164 -11.23 -29.72 3.78
N ALA C 165 -11.29 -31.04 3.48
CA ALA C 165 -12.23 -32.02 4.01
C ALA C 165 -12.06 -32.18 5.54
N GLU C 166 -10.79 -32.29 6.02
CA GLU C 166 -10.48 -32.43 7.44
C GLU C 166 -10.85 -31.13 8.18
N ALA C 167 -10.52 -29.94 7.61
CA ALA C 167 -10.90 -28.64 8.24
C ALA C 167 -12.42 -28.51 8.36
N ASP C 168 -13.17 -29.04 7.37
CA ASP C 168 -14.63 -29.00 7.38
C ASP C 168 -15.27 -29.84 8.53
N VAL C 169 -14.49 -30.74 9.19
CA VAL C 169 -15.03 -31.54 10.31
C VAL C 169 -14.34 -31.18 11.66
N ARG C 170 -13.44 -30.17 11.70
CA ARG C 170 -12.78 -29.76 12.94
C ARG C 170 -13.72 -28.82 13.70
N GLU C 171 -14.02 -29.17 14.98
CA GLU C 171 -14.91 -28.41 15.84
C GLU C 171 -14.33 -27.03 16.19
N ASP C 172 -13.06 -26.97 16.64
CA ASP C 172 -12.43 -25.71 16.98
C ASP C 172 -11.69 -25.21 15.74
N ASP C 173 -12.26 -24.18 15.07
CA ASP C 173 -11.72 -23.65 13.83
C ASP C 173 -11.17 -22.20 13.99
N SER C 174 -10.78 -21.80 15.24
CA SER C 174 -10.27 -20.44 15.53
C SER C 174 -8.76 -20.27 15.28
N TYR C 175 -8.06 -21.38 14.94
CA TYR C 175 -6.60 -21.40 14.69
C TYR C 175 -6.33 -21.97 13.28
N LEU C 176 -7.27 -21.79 12.34
CA LEU C 176 -7.09 -22.28 10.97
C LEU C 176 -6.56 -21.18 10.05
N PHE C 177 -5.63 -21.55 9.13
CA PHE C 177 -5.15 -20.63 8.13
C PHE C 177 -5.26 -21.35 6.79
N ASP C 178 -6.13 -20.84 5.90
CA ASP C 178 -6.38 -21.43 4.59
C ASP C 178 -5.22 -21.23 3.61
N LEU C 179 -4.88 -22.31 2.89
CA LEU C 179 -3.88 -22.28 1.82
C LEU C 179 -4.69 -22.40 0.50
N ASP C 180 -5.38 -21.32 0.14
CA ASP C 180 -6.24 -21.29 -1.06
C ASP C 180 -5.48 -20.72 -2.26
C GLU C 185 -6.81 -28.55 -3.17
N VAL C 186 -7.19 -28.45 -1.90
CA VAL C 186 -6.94 -27.25 -1.06
C VAL C 186 -6.57 -27.75 0.33
N TYR C 187 -5.58 -27.08 0.97
CA TYR C 187 -5.10 -27.48 2.28
C TYR C 187 -5.20 -26.31 3.27
N CYS C 188 -5.03 -26.63 4.56
CA CYS C 188 -5.16 -25.71 5.69
CA CYS C 188 -5.16 -25.69 5.65
C CYS C 188 -4.05 -25.96 6.66
N ILE C 189 -3.67 -24.91 7.41
CA ILE C 189 -2.71 -25.06 8.50
C ILE C 189 -3.57 -24.91 9.76
N ASP C 190 -3.69 -25.98 10.60
CA ASP C 190 -4.47 -25.95 11.86
C ASP C 190 -3.50 -25.83 13.01
N ALA C 191 -3.47 -24.67 13.66
CA ALA C 191 -2.55 -24.47 14.79
C ALA C 191 -3.24 -24.68 16.17
N ARG C 192 -4.41 -25.34 16.20
CA ARG C 192 -5.10 -25.59 17.47
C ARG C 192 -4.32 -26.60 18.35
N TYR C 193 -3.93 -27.76 17.77
CA TYR C 193 -3.29 -28.81 18.58
C TYR C 193 -1.77 -28.75 18.51
N TYR C 194 -1.22 -28.30 17.36
CA TYR C 194 0.20 -28.15 17.13
C TYR C 194 0.39 -26.79 16.49
N GLY C 195 1.23 -25.95 17.07
CA GLY C 195 1.45 -24.62 16.49
C GLY C 195 2.67 -23.90 17.06
N ASN C 196 3.05 -22.81 16.44
CA ASN C 196 4.15 -22.02 17.00
C ASN C 196 3.56 -20.74 17.59
N ILE C 197 4.42 -19.74 17.81
CA ILE C 197 4.05 -18.46 18.41
CA ILE C 197 4.07 -18.45 18.38
C ILE C 197 2.96 -17.76 17.58
N SER C 198 2.84 -18.03 16.27
CA SER C 198 1.81 -17.41 15.41
CA SER C 198 1.84 -17.33 15.46
C SER C 198 0.40 -17.75 15.82
N ARG C 199 0.19 -18.91 16.49
CA ARG C 199 -1.16 -19.30 16.91
C ARG C 199 -1.74 -18.32 17.90
N PHE C 200 -0.88 -17.47 18.53
CA PHE C 200 -1.33 -16.54 19.55
C PHE C 200 -1.58 -15.14 19.00
N ILE C 201 -1.28 -14.90 17.71
CA ILE C 201 -1.41 -13.54 17.15
C ILE C 201 -2.90 -13.23 16.93
N ASN C 202 -3.38 -12.06 17.44
CA ASN C 202 -4.78 -11.67 17.31
C ASN C 202 -5.06 -11.00 15.97
N HIS C 203 -6.33 -10.76 15.66
CA HIS C 203 -6.76 -10.10 14.42
C HIS C 203 -6.75 -8.59 14.53
N LEU C 204 -6.26 -7.92 13.47
CA LEU C 204 -6.34 -6.46 13.31
C LEU C 204 -6.89 -6.18 11.93
N CYS C 205 -7.90 -5.26 11.85
CA CYS C 205 -8.51 -4.81 10.59
C CYS C 205 -7.56 -3.93 9.79
N ASP C 206 -6.64 -3.24 10.49
CA ASP C 206 -5.55 -2.45 9.93
C ASP C 206 -4.30 -3.20 10.44
N PRO C 207 -3.96 -4.34 9.80
CA PRO C 207 -2.87 -5.18 10.33
C PRO C 207 -1.49 -4.52 10.24
N ASN C 208 -0.55 -4.95 11.10
CA ASN C 208 0.82 -4.45 11.06
C ASN C 208 1.71 -5.56 10.52
N ILE C 209 1.11 -6.73 10.21
CA ILE C 209 1.87 -7.84 9.61
C ILE C 209 1.01 -8.43 8.48
N ILE C 210 1.68 -8.94 7.43
CA ILE C 210 0.98 -9.50 6.25
C ILE C 210 1.49 -10.91 5.92
N PRO C 211 0.59 -11.86 5.58
CA PRO C 211 1.06 -13.21 5.22
C PRO C 211 1.53 -13.27 3.76
N VAL C 212 2.63 -13.97 3.53
CA VAL C 212 3.19 -14.14 2.18
C VAL C 212 3.45 -15.63 2.00
N ARG C 213 3.07 -16.19 0.84
CA ARG C 213 3.31 -17.61 0.55
C ARG C 213 4.76 -17.77 0.08
N VAL C 214 5.49 -18.71 0.70
CA VAL C 214 6.92 -18.89 0.40
C VAL C 214 7.23 -20.36 0.16
N PHE C 215 8.18 -20.62 -0.73
CA PHE C 215 8.73 -21.93 -1.07
C PHE C 215 10.21 -21.95 -0.72
N MET C 216 10.63 -23.01 -0.01
CA MET C 216 12.03 -23.16 0.38
C MET C 216 12.54 -24.51 -0.02
N LEU C 217 12.48 -25.55 0.89
CA LEU C 217 13.07 -26.86 0.62
C LEU C 217 12.33 -27.68 -0.47
N HIS C 218 11.09 -27.32 -0.81
CA HIS C 218 10.27 -27.99 -1.82
C HIS C 218 9.45 -26.91 -2.51
N GLN C 219 8.94 -27.23 -3.70
CA GLN C 219 8.12 -26.27 -4.44
C GLN C 219 6.78 -26.91 -4.81
N ASP C 220 6.21 -27.67 -3.86
CA ASP C 220 4.89 -28.28 -4.04
C ASP C 220 3.89 -27.13 -3.77
N LEU C 221 3.31 -26.58 -4.84
CA LEU C 221 2.38 -25.44 -4.82
C LEU C 221 1.14 -25.64 -3.93
N ARG C 222 0.81 -26.90 -3.56
CA ARG C 222 -0.32 -27.17 -2.64
C ARG C 222 0.04 -26.75 -1.23
N PHE C 223 1.36 -26.70 -0.93
CA PHE C 223 1.85 -26.46 0.41
C PHE C 223 2.81 -25.30 0.51
N PRO C 224 2.33 -24.08 0.26
CA PRO C 224 3.18 -22.92 0.52
C PRO C 224 3.31 -22.81 2.04
N ARG C 225 4.43 -22.24 2.47
CA ARG C 225 4.68 -21.92 3.86
C ARG C 225 4.24 -20.45 4.02
N ILE C 226 3.68 -20.10 5.19
CA ILE C 226 3.11 -18.77 5.41
C ILE C 226 4.04 -17.93 6.27
N ALA C 227 4.63 -16.88 5.68
CA ALA C 227 5.58 -15.99 6.34
C ALA C 227 4.96 -14.66 6.64
N PHE C 228 5.06 -14.18 7.88
CA PHE C 228 4.53 -12.86 8.20
C PHE C 228 5.63 -11.83 8.11
N PHE C 229 5.38 -10.76 7.38
CA PHE C 229 6.33 -9.66 7.32
C PHE C 229 5.61 -8.43 7.81
N SER C 230 6.33 -7.52 8.50
CA SER C 230 5.71 -6.25 8.95
CA SER C 230 5.72 -6.26 8.94
C SER C 230 5.25 -5.44 7.71
N SER C 231 4.03 -4.90 7.75
CA SER C 231 3.47 -4.14 6.62
C SER C 231 3.81 -2.65 6.72
N ARG C 232 4.32 -2.24 7.90
CA ARG C 232 4.74 -0.87 8.23
CA ARG C 232 4.73 -0.87 8.24
C ARG C 232 5.73 -0.93 9.39
N ASP C 233 6.29 0.24 9.83
CA ASP C 233 7.19 0.22 10.98
C ASP C 233 6.36 -0.14 12.20
N ILE C 234 6.86 -1.04 13.05
CA ILE C 234 6.16 -1.47 14.29
C ILE C 234 6.98 -0.92 15.47
N ARG C 235 6.31 -0.27 16.42
CA ARG C 235 6.95 0.34 17.59
C ARG C 235 7.19 -0.70 18.67
N THR C 236 8.15 -0.46 19.56
CA THR C 236 8.41 -1.38 20.69
C THR C 236 7.16 -1.43 21.57
N GLY C 237 6.80 -2.65 21.97
CA GLY C 237 5.63 -2.92 22.81
C GLY C 237 4.33 -3.10 22.03
N GLU C 238 4.36 -2.81 20.71
CA GLU C 238 3.18 -2.91 19.86
C GLU C 238 2.76 -4.36 19.64
N GLU C 239 1.47 -4.63 19.81
CA GLU C 239 0.93 -5.96 19.60
C GLU C 239 0.90 -6.25 18.10
N LEU C 240 1.29 -7.46 17.74
CA LEU C 240 1.25 -7.92 16.35
C LEU C 240 -0.19 -8.30 16.03
N GLY C 241 -0.56 -8.11 14.78
CA GLY C 241 -1.88 -8.53 14.34
C GLY C 241 -1.96 -8.62 12.84
N PHE C 242 -2.62 -9.67 12.33
CA PHE C 242 -2.86 -9.84 10.88
C PHE C 242 -4.35 -9.88 10.64
N ASP C 243 -4.78 -9.74 9.37
CA ASP C 243 -6.18 -9.75 9.01
C ASP C 243 -6.55 -11.21 8.75
N TYR C 244 -7.37 -11.77 9.66
CA TYR C 244 -7.83 -13.16 9.57
C TYR C 244 -8.65 -13.42 8.30
N GLY C 245 -9.24 -12.37 7.74
CA GLY C 245 -10.00 -12.50 6.50
C GLY C 245 -11.49 -12.63 6.69
N ASP C 246 -12.23 -12.58 5.56
CA ASP C 246 -13.68 -12.62 5.58
C ASP C 246 -14.24 -13.99 5.91
N ARG C 247 -13.55 -15.13 5.58
CA ARG C 247 -14.10 -16.46 5.92
C ARG C 247 -14.20 -16.61 7.44
N PHE C 248 -13.13 -16.19 8.16
CA PHE C 248 -13.13 -16.22 9.62
C PHE C 248 -14.27 -15.39 10.19
N TRP C 249 -14.43 -14.14 9.72
CA TRP C 249 -15.42 -13.25 10.29
C TRP C 249 -16.84 -13.59 9.85
N ASP C 250 -17.05 -14.12 8.63
CA ASP C 250 -18.40 -14.51 8.19
C ASP C 250 -18.90 -15.63 9.10
N ILE C 251 -17.97 -16.52 9.54
CA ILE C 251 -18.35 -17.60 10.44
C ILE C 251 -18.47 -17.09 11.90
N LYS C 252 -17.47 -16.35 12.41
CA LYS C 252 -17.44 -15.99 13.83
C LYS C 252 -18.31 -14.79 14.26
N SER C 253 -18.65 -13.83 13.35
N SER C 253 -18.65 -13.83 13.35
CA SER C 253 -19.44 -12.63 13.67
CA SER C 253 -19.44 -12.63 13.67
C SER C 253 -20.71 -12.94 14.47
C SER C 253 -20.71 -12.94 14.47
N LYS C 254 -21.29 -14.15 14.26
CA LYS C 254 -22.49 -14.66 14.93
C LYS C 254 -22.29 -14.77 16.46
N TYR C 255 -21.06 -15.13 16.88
CA TYR C 255 -20.68 -15.35 18.27
C TYR C 255 -19.93 -14.18 18.91
N PHE C 256 -19.15 -13.42 18.13
CA PHE C 256 -18.40 -12.27 18.66
C PHE C 256 -17.98 -11.35 17.55
N THR C 257 -17.82 -10.09 17.88
CA THR C 257 -17.42 -9.11 16.87
C THR C 257 -16.01 -8.64 17.16
N CYS C 258 -15.43 -7.90 16.23
CA CYS C 258 -14.07 -7.45 16.34
C CYS C 258 -13.87 -6.34 17.39
N GLN C 259 -12.81 -6.45 18.20
CA GLN C 259 -12.44 -5.45 19.21
C GLN C 259 -11.06 -4.82 18.93
N CYS C 260 -10.64 -4.73 17.64
CA CYS C 260 -9.32 -4.16 17.25
C CYS C 260 -9.26 -2.63 17.51
N GLY C 261 -10.41 -2.01 17.76
CA GLY C 261 -10.48 -0.60 18.09
C GLY C 261 -9.93 0.37 17.06
N SER C 262 -9.91 -0.04 15.78
CA SER C 262 -9.40 0.84 14.71
C SER C 262 -10.53 1.61 14.08
N GLU C 263 -10.21 2.78 13.51
CA GLU C 263 -11.14 3.64 12.79
C GLU C 263 -11.59 2.94 11.51
N LYS C 264 -10.72 2.14 10.86
CA LYS C 264 -11.10 1.43 9.64
C LYS C 264 -11.49 -0.04 9.96
N CYS C 265 -11.97 -0.32 11.19
CA CYS C 265 -12.48 -1.64 11.59
C CYS C 265 -13.63 -2.05 10.68
N LYS C 266 -13.57 -3.27 10.15
CA LYS C 266 -14.57 -3.80 9.23
C LYS C 266 -15.49 -4.86 9.86
N HIS C 267 -15.19 -5.28 11.11
CA HIS C 267 -15.88 -6.41 11.70
C HIS C 267 -16.38 -6.18 13.12
N SER C 268 -16.45 -4.92 13.57
CA SER C 268 -17.07 -4.61 14.85
C SER C 268 -18.61 -4.70 14.65
N ALA C 269 -19.39 -4.75 15.74
CA ALA C 269 -20.85 -4.80 15.61
C ALA C 269 -21.34 -3.55 14.85
N GLU C 270 -20.74 -2.37 15.13
CA GLU C 270 -21.09 -1.07 14.55
C GLU C 270 -20.77 -1.02 13.04
N ALA C 271 -19.66 -1.64 12.61
CA ALA C 271 -19.23 -1.69 11.20
C ALA C 271 -20.16 -2.56 10.36
N ILE C 272 -20.62 -3.70 10.92
CA ILE C 272 -21.57 -4.63 10.27
C ILE C 272 -22.93 -3.96 10.09
N ALA C 273 -23.31 -3.07 11.04
CA ALA C 273 -24.55 -2.31 11.01
C ALA C 273 -24.49 -1.21 9.95
N LEU C 274 -23.34 -0.49 9.88
CA LEU C 274 -23.09 0.58 8.91
C LEU C 274 -22.41 0.04 7.65
N THR D 8 53.75 -26.67 -2.58
CA THR D 8 52.96 -25.69 -1.84
C THR D 8 51.49 -26.08 -1.82
N GLU D 9 50.86 -26.04 -0.62
CA GLU D 9 49.47 -26.40 -0.39
C GLU D 9 48.54 -25.25 -0.80
N LYS D 10 47.91 -25.42 -1.97
CA LYS D 10 46.99 -24.42 -2.52
C LYS D 10 45.57 -24.61 -2.00
N ILE D 11 44.99 -23.55 -1.41
CA ILE D 11 43.60 -23.49 -0.98
C ILE D 11 42.85 -23.31 -2.31
N ILE D 12 41.99 -24.26 -2.65
N ILE D 12 41.98 -24.28 -2.67
CA ILE D 12 41.24 -24.20 -3.90
CA ILE D 12 41.27 -24.23 -3.96
C ILE D 12 39.82 -23.71 -3.63
C ILE D 12 39.73 -24.10 -3.76
N CYS D 13 39.24 -24.12 -2.50
CA CYS D 13 37.84 -23.81 -2.14
C CYS D 13 37.76 -23.49 -0.65
N ARG D 14 37.24 -22.30 -0.27
CA ARG D 14 37.14 -21.94 1.15
C ARG D 14 36.07 -22.78 1.88
N ASP D 15 35.06 -23.26 1.12
CA ASP D 15 33.99 -24.09 1.72
C ASP D 15 33.26 -24.93 0.66
N VAL D 16 33.58 -26.24 0.61
CA VAL D 16 32.92 -27.17 -0.35
C VAL D 16 31.41 -27.30 -0.03
N ALA D 17 31.04 -27.01 1.23
CA ALA D 17 29.65 -27.10 1.68
C ALA D 17 28.82 -25.85 1.34
N ARG D 18 29.44 -24.79 0.79
CA ARG D 18 28.74 -23.53 0.44
C ARG D 18 27.89 -22.95 1.61
N GLY D 19 28.45 -22.93 2.83
CA GLY D 19 27.77 -22.40 4.02
C GLY D 19 26.69 -23.26 4.63
N TYR D 20 26.49 -24.50 4.09
CA TYR D 20 25.41 -25.37 4.58
C TYR D 20 25.74 -26.12 5.90
N GLU D 21 27.00 -26.16 6.31
CA GLU D 21 27.32 -26.83 7.56
C GLU D 21 27.53 -25.76 8.62
N ASN D 22 27.67 -26.14 9.90
CA ASN D 22 27.90 -25.19 11.01
C ASN D 22 29.27 -24.51 10.86
N VAL D 23 30.19 -25.21 10.23
CA VAL D 23 31.57 -24.79 10.02
C VAL D 23 31.94 -24.94 8.54
N PRO D 24 32.85 -24.10 8.00
CA PRO D 24 33.26 -24.30 6.60
C PRO D 24 34.08 -25.58 6.49
N ILE D 25 34.15 -26.16 5.28
CA ILE D 25 34.96 -27.34 4.99
C ILE D 25 35.79 -26.95 3.74
N PRO D 26 36.99 -26.38 3.96
CA PRO D 26 37.82 -25.97 2.83
C PRO D 26 38.43 -27.14 2.07
N CYS D 27 38.84 -26.86 0.83
CA CYS D 27 39.50 -27.83 -0.02
C CYS D 27 40.89 -27.34 -0.38
N VAL D 28 41.91 -28.22 -0.16
CA VAL D 28 43.31 -27.90 -0.49
C VAL D 28 43.96 -29.04 -1.30
N ASN D 29 45.00 -28.67 -2.04
CA ASN D 29 45.77 -29.62 -2.86
C ASN D 29 47.22 -29.19 -2.98
N GLY D 30 48.09 -29.83 -2.20
CA GLY D 30 49.52 -29.59 -2.27
C GLY D 30 50.21 -30.76 -2.94
N VAL D 31 49.43 -31.62 -3.65
CA VAL D 31 49.94 -32.85 -4.26
C VAL D 31 49.99 -32.77 -5.81
N ASP D 32 48.89 -32.40 -6.46
CA ASP D 32 48.84 -32.46 -7.91
C ASP D 32 47.98 -31.30 -8.47
N GLY D 33 47.67 -31.33 -9.77
CA GLY D 33 46.91 -30.27 -10.42
C GLY D 33 45.42 -30.46 -10.49
N GLU D 34 44.89 -31.45 -9.72
CA GLU D 34 43.44 -31.73 -9.76
C GLU D 34 42.68 -30.52 -9.23
N PRO D 35 41.71 -30.04 -10.01
CA PRO D 35 40.90 -28.92 -9.53
C PRO D 35 39.88 -29.38 -8.47
N CYS D 36 39.24 -28.43 -7.78
CA CYS D 36 38.21 -28.75 -6.78
C CYS D 36 37.12 -29.66 -7.41
N PRO D 37 36.74 -30.80 -6.79
CA PRO D 37 35.73 -31.68 -7.43
C PRO D 37 34.35 -31.00 -7.64
N GLU D 38 33.87 -31.00 -8.88
CA GLU D 38 32.58 -30.40 -9.26
C GLU D 38 31.69 -31.40 -10.01
N ASP D 39 32.03 -32.68 -9.98
CA ASP D 39 31.28 -33.74 -10.67
C ASP D 39 30.15 -34.34 -9.79
N TYR D 40 29.70 -33.57 -8.81
CA TYR D 40 28.63 -33.95 -7.89
C TYR D 40 28.00 -32.66 -7.34
N LYS D 41 26.86 -32.80 -6.69
CA LYS D 41 26.20 -31.66 -6.05
C LYS D 41 26.33 -31.84 -4.55
N TYR D 42 26.98 -30.87 -3.84
CA TYR D 42 27.09 -30.94 -2.39
C TYR D 42 25.71 -30.66 -1.76
N ILE D 43 25.20 -31.60 -0.95
CA ILE D 43 23.96 -31.45 -0.17
C ILE D 43 24.29 -31.77 1.28
N SER D 44 23.70 -31.04 2.26
CA SER D 44 23.98 -31.27 3.68
C SER D 44 23.04 -32.27 4.30
N GLU D 45 21.89 -32.48 3.65
CA GLU D 45 20.89 -33.43 4.10
C GLU D 45 20.51 -34.35 2.96
N ASN D 46 20.09 -35.60 3.32
CA ASN D 46 19.69 -36.59 2.32
C ASN D 46 18.59 -36.11 1.38
N CYS D 47 18.67 -36.54 0.12
CA CYS D 47 17.68 -36.14 -0.88
C CYS D 47 17.03 -37.36 -1.49
N GLU D 48 15.94 -37.11 -2.25
N GLU D 48 15.96 -37.14 -2.26
CA GLU D 48 15.16 -38.12 -2.97
CA GLU D 48 15.33 -38.23 -3.00
C GLU D 48 15.06 -37.76 -4.44
C GLU D 48 15.07 -37.81 -4.42
N THR D 49 15.17 -38.76 -5.35
CA THR D 49 14.93 -38.49 -6.77
C THR D 49 13.74 -39.36 -7.29
N SER D 50 13.07 -40.06 -6.37
CA SER D 50 11.85 -40.85 -6.62
C SER D 50 11.02 -40.89 -5.32
N THR D 51 9.78 -41.44 -5.37
CA THR D 51 8.91 -41.52 -4.18
C THR D 51 9.50 -42.47 -3.12
N MET D 52 9.91 -41.93 -1.94
CA MET D 52 10.42 -42.73 -0.80
C MET D 52 9.34 -42.80 0.30
N ASN D 53 8.50 -41.74 0.42
N ASN D 53 8.53 -41.73 0.40
CA ASN D 53 7.43 -41.57 1.41
CA ASN D 53 7.44 -41.50 1.37
C ASN D 53 7.90 -41.84 2.84
C ASN D 53 7.88 -41.81 2.81
N ILE D 54 8.91 -41.09 3.27
CA ILE D 54 9.43 -41.20 4.63
C ILE D 54 8.26 -40.88 5.59
N ASP D 55 8.00 -41.79 6.56
CA ASP D 55 6.88 -41.59 7.48
C ASP D 55 7.19 -40.39 8.36
N ARG D 56 6.58 -39.23 8.09
CA ARG D 56 6.84 -38.01 8.88
C ARG D 56 5.70 -37.70 9.85
N ASN D 57 4.74 -38.63 9.98
CA ASN D 57 3.58 -38.43 10.83
C ASN D 57 4.05 -38.22 12.28
N ILE D 58 3.79 -37.00 12.85
CA ILE D 58 4.29 -36.66 14.20
C ILE D 58 3.74 -37.61 15.28
N THR D 59 2.52 -38.18 15.10
CA THR D 59 1.90 -39.12 16.05
C THR D 59 2.60 -40.50 16.01
N HIS D 60 3.44 -40.75 15.00
CA HIS D 60 4.16 -42.03 14.89
C HIS D 60 5.50 -41.94 15.57
N LEU D 61 5.83 -40.78 16.16
CA LEU D 61 7.10 -40.67 16.88
C LEU D 61 6.97 -41.19 18.31
N GLN D 62 7.92 -42.01 18.74
CA GLN D 62 8.04 -42.38 20.14
C GLN D 62 8.78 -41.19 20.77
N HIS D 63 8.42 -40.79 21.98
CA HIS D 63 9.02 -39.59 22.56
C HIS D 63 9.02 -39.63 24.05
N CYS D 64 9.82 -38.75 24.66
CA CYS D 64 9.93 -38.73 26.13
C CYS D 64 9.11 -37.62 26.71
N THR D 65 8.93 -37.73 28.03
CA THR D 65 8.18 -36.78 28.86
C THR D 65 9.12 -36.04 29.85
N CYS D 66 10.45 -36.16 29.64
CA CYS D 66 11.45 -35.54 30.52
C CYS D 66 11.24 -34.08 30.68
N VAL D 67 11.41 -33.62 31.93
CA VAL D 67 11.37 -32.20 32.31
C VAL D 67 12.78 -31.73 32.66
N ASP D 68 13.79 -32.62 32.53
CA ASP D 68 15.19 -32.28 32.80
C ASP D 68 15.94 -32.14 31.43
N ASP D 69 17.25 -32.43 31.41
CA ASP D 69 18.06 -32.41 30.18
C ASP D 69 18.17 -33.80 29.59
N CYS D 70 17.26 -34.74 29.95
CA CYS D 70 17.31 -36.09 29.35
C CYS D 70 18.60 -36.80 29.70
N SER D 71 19.21 -36.44 30.83
CA SER D 71 20.44 -37.05 31.29
C SER D 71 20.12 -38.27 32.17
N SER D 72 18.81 -38.49 32.55
CA SER D 72 18.44 -39.62 33.40
C SER D 72 18.16 -40.90 32.62
N SER D 73 18.33 -42.08 33.27
CA SER D 73 18.03 -43.39 32.65
C SER D 73 16.51 -43.59 32.39
N ASN D 74 15.65 -42.72 32.97
CA ASN D 74 14.19 -42.80 32.76
C ASN D 74 13.76 -42.19 31.39
N CYS D 75 14.66 -41.49 30.66
CA CYS D 75 14.33 -40.91 29.36
C CYS D 75 13.89 -42.02 28.41
N LEU D 76 12.67 -41.94 27.87
CA LEU D 76 12.16 -43.02 26.99
C LEU D 76 13.07 -43.19 25.76
N CYS D 77 13.54 -42.07 25.19
CA CYS D 77 14.38 -42.07 23.99
C CYS D 77 15.74 -42.76 24.22
N GLY D 78 16.31 -42.56 25.41
CA GLY D 78 17.54 -43.24 25.83
C GLY D 78 17.29 -44.73 25.97
N GLN D 79 16.14 -45.11 26.54
CA GLN D 79 15.78 -46.54 26.70
C GLN D 79 15.60 -47.24 25.33
N LEU D 80 15.12 -46.53 24.29
CA LEU D 80 14.98 -47.09 22.94
C LEU D 80 16.35 -47.35 22.33
N SER D 81 17.33 -46.52 22.74
CA SER D 81 18.72 -46.51 22.29
C SER D 81 19.54 -47.46 23.16
N ILE D 82 18.87 -48.28 24.01
CA ILE D 82 19.36 -49.17 25.08
C ILE D 82 19.57 -48.28 26.34
N ARG D 83 20.34 -47.20 26.15
CA ARG D 83 20.58 -46.11 27.08
C ARG D 83 21.05 -44.92 26.23
N CYS D 84 21.05 -43.69 26.80
CA CYS D 84 21.66 -42.60 26.06
C CYS D 84 23.17 -42.83 26.19
N TRP D 85 23.83 -42.96 25.03
CA TRP D 85 25.26 -43.24 24.94
C TRP D 85 26.09 -41.97 24.92
N TYR D 86 25.44 -40.81 25.03
CA TYR D 86 26.15 -39.55 25.03
C TYR D 86 26.50 -39.09 26.42
N ASP D 87 27.80 -38.76 26.64
CA ASP D 87 28.28 -38.20 27.90
C ASP D 87 27.86 -36.71 27.91
N LYS D 88 28.17 -35.96 29.00
CA LYS D 88 27.79 -34.54 29.16
C LYS D 88 28.33 -33.61 28.03
N ASP D 89 29.40 -34.03 27.31
CA ASP D 89 30.07 -33.28 26.26
C ASP D 89 29.60 -33.72 24.83
N GLY D 90 28.61 -34.61 24.77
CA GLY D 90 28.05 -35.10 23.51
C GLY D 90 28.84 -36.21 22.86
N ARG D 91 29.69 -36.88 23.64
CA ARG D 91 30.58 -37.94 23.14
C ARG D 91 30.11 -39.31 23.56
N LEU D 92 30.29 -40.32 22.69
CA LEU D 92 29.91 -41.69 23.01
C LEU D 92 30.71 -42.14 24.20
N LEU D 93 30.06 -42.93 25.07
CA LEU D 93 30.71 -43.45 26.27
C LEU D 93 31.83 -44.37 25.82
N GLN D 94 32.88 -44.54 26.65
CA GLN D 94 33.99 -45.42 26.32
C GLN D 94 33.51 -46.84 25.99
N GLU D 95 32.52 -47.33 26.76
CA GLU D 95 31.95 -48.69 26.70
C GLU D 95 31.03 -48.93 25.47
N PHE D 96 30.74 -47.90 24.65
CA PHE D 96 29.90 -48.04 23.46
C PHE D 96 30.41 -49.19 22.55
N ASN D 97 29.49 -50.00 22.02
CA ASN D 97 29.82 -51.13 21.16
C ASN D 97 30.19 -50.60 19.76
N LYS D 98 31.48 -50.64 19.39
CA LYS D 98 31.99 -50.12 18.11
C LYS D 98 31.92 -51.14 16.95
N ILE D 99 31.77 -52.44 17.24
CA ILE D 99 31.71 -53.48 16.20
C ILE D 99 30.25 -53.67 15.73
N GLU D 100 29.30 -53.74 16.67
CA GLU D 100 27.87 -53.88 16.39
C GLU D 100 27.15 -52.77 17.17
N PRO D 101 27.17 -51.52 16.66
CA PRO D 101 26.52 -50.41 17.38
C PRO D 101 24.99 -50.55 17.48
N PRO D 102 24.37 -50.10 18.60
CA PRO D 102 22.90 -50.16 18.67
C PRO D 102 22.30 -49.04 17.81
N LEU D 103 20.96 -49.07 17.60
CA LEU D 103 20.27 -47.97 16.90
C LEU D 103 20.17 -46.85 17.93
N ILE D 104 20.47 -45.60 17.54
CA ILE D 104 20.34 -44.44 18.42
C ILE D 104 19.01 -43.72 18.08
N PHE D 105 18.20 -43.46 19.11
CA PHE D 105 16.98 -42.69 18.93
C PHE D 105 17.20 -41.39 19.65
N GLU D 106 17.47 -40.30 18.91
CA GLU D 106 17.62 -38.99 19.54
C GLU D 106 16.23 -38.40 19.86
N CYS D 107 16.22 -37.33 20.68
CA CYS D 107 14.96 -36.67 20.97
C CYS D 107 14.50 -35.94 19.74
N ASN D 108 13.20 -35.63 19.73
CA ASN D 108 12.57 -35.11 18.54
C ASN D 108 11.51 -34.08 18.90
N GLN D 109 10.87 -33.52 17.89
CA GLN D 109 9.87 -32.46 18.01
C GLN D 109 8.61 -32.91 18.84
N ALA D 110 8.47 -34.24 19.10
CA ALA D 110 7.36 -34.71 19.90
C ALA D 110 7.70 -34.81 21.41
N CYS D 111 9.00 -34.85 21.78
CA CYS D 111 9.48 -34.92 23.17
C CYS D 111 9.12 -33.64 23.90
N SER D 112 8.94 -33.73 25.21
CA SER D 112 8.59 -32.54 26.01
C SER D 112 9.82 -31.74 26.35
N CYS D 113 11.03 -32.30 26.06
CA CYS D 113 12.30 -31.67 26.40
C CYS D 113 12.63 -30.46 25.48
N TRP D 114 13.70 -29.76 25.83
CA TRP D 114 14.22 -28.62 25.07
C TRP D 114 15.14 -29.07 23.94
N ARG D 115 15.25 -28.24 22.89
CA ARG D 115 16.09 -28.51 21.73
C ARG D 115 17.59 -28.74 22.13
N ASN D 116 18.02 -28.29 23.32
CA ASN D 116 19.41 -28.41 23.77
C ASN D 116 19.61 -29.54 24.80
N CYS D 117 18.66 -30.49 24.89
CA CYS D 117 18.74 -31.61 25.85
C CYS D 117 20.00 -32.48 25.45
N LYS D 118 20.43 -33.42 26.31
CA LYS D 118 21.67 -34.21 26.11
C LYS D 118 21.53 -35.32 25.08
N ASN D 119 20.33 -35.49 24.50
CA ASN D 119 20.12 -36.55 23.51
C ASN D 119 19.86 -35.99 22.10
N ARG D 120 20.77 -35.13 21.57
CA ARG D 120 20.57 -34.43 20.28
C ARG D 120 21.88 -34.10 19.54
N VAL D 121 22.90 -34.93 19.74
CA VAL D 121 24.20 -34.68 19.15
C VAL D 121 24.18 -34.70 17.61
N VAL D 122 23.67 -35.77 16.99
CA VAL D 122 23.70 -35.89 15.52
C VAL D 122 22.86 -34.79 14.87
N GLN D 123 21.68 -34.48 15.40
CA GLN D 123 20.80 -33.46 14.77
C GLN D 123 21.36 -32.04 14.88
N SER D 124 22.38 -31.86 15.73
CA SER D 124 23.02 -30.58 16.01
C SER D 124 24.15 -30.28 14.96
N GLY D 125 24.52 -31.28 14.16
CA GLY D 125 25.45 -31.10 13.05
C GLY D 125 26.93 -31.19 13.34
N ILE D 126 27.74 -30.81 12.34
CA ILE D 126 29.21 -30.89 12.43
C ILE D 126 29.71 -29.80 13.34
N LYS D 127 30.62 -30.14 14.25
CA LYS D 127 31.23 -29.09 15.10
C LYS D 127 32.75 -29.11 14.93
N VAL D 128 33.31 -30.22 14.42
CA VAL D 128 34.77 -30.36 14.26
C VAL D 128 35.26 -29.70 12.94
N ARG D 129 36.53 -29.25 12.91
CA ARG D 129 37.14 -28.65 11.72
C ARG D 129 37.72 -29.77 10.88
N LEU D 130 37.15 -29.93 9.66
CA LEU D 130 37.53 -30.93 8.66
C LEU D 130 38.05 -30.24 7.43
N GLN D 131 38.77 -30.98 6.61
CA GLN D 131 39.31 -30.43 5.39
C GLN D 131 39.28 -31.47 4.33
N LEU D 132 38.82 -31.07 3.13
CA LEU D 132 38.91 -31.93 1.95
C LEU D 132 40.33 -31.70 1.37
N TYR D 133 41.13 -32.76 1.23
CA TYR D 133 42.50 -32.54 0.74
C TYR D 133 42.90 -33.59 -0.23
N ARG D 134 44.00 -33.32 -1.00
CA ARG D 134 44.48 -34.28 -1.96
C ARG D 134 45.49 -35.19 -1.27
N THR D 135 45.20 -36.50 -1.29
CA THR D 135 46.07 -37.48 -0.64
C THR D 135 47.22 -37.84 -1.56
N ALA D 136 48.29 -38.49 -1.02
CA ALA D 136 49.43 -38.90 -1.83
C ALA D 136 49.09 -40.01 -2.84
N LYS D 137 48.23 -40.99 -2.47
CA LYS D 137 47.92 -42.13 -3.34
C LYS D 137 46.44 -42.54 -3.43
N MET D 138 45.51 -41.80 -2.83
CA MET D 138 44.10 -42.22 -2.86
C MET D 138 43.15 -41.11 -3.32
N GLY D 139 43.59 -40.25 -4.24
CA GLY D 139 42.75 -39.15 -4.73
C GLY D 139 42.40 -38.19 -3.61
N TRP D 140 41.11 -37.77 -3.52
CA TRP D 140 40.70 -36.85 -2.46
C TRP D 140 40.47 -37.66 -1.20
N GLY D 141 40.62 -37.01 -0.06
CA GLY D 141 40.40 -37.59 1.25
C GLY D 141 39.98 -36.48 2.18
N VAL D 142 39.66 -36.85 3.41
CA VAL D 142 39.14 -35.90 4.38
C VAL D 142 40.00 -36.03 5.62
N ARG D 143 40.47 -34.91 6.16
CA ARG D 143 41.28 -34.95 7.37
C ARG D 143 40.81 -33.98 8.44
N ALA D 144 41.21 -34.28 9.67
CA ALA D 144 40.94 -33.47 10.85
C ALA D 144 41.92 -32.27 10.92
N LEU D 145 41.40 -31.06 11.19
CA LEU D 145 42.21 -29.84 11.36
C LEU D 145 42.35 -29.52 12.85
N GLN D 146 42.07 -30.51 13.70
CA GLN D 146 42.11 -30.39 15.17
C GLN D 146 42.22 -31.76 15.79
N THR D 147 42.58 -31.82 17.09
CA THR D 147 42.59 -33.07 17.82
C THR D 147 41.12 -33.39 18.09
N ILE D 148 40.75 -34.67 17.95
CA ILE D 148 39.38 -35.10 18.18
C ILE D 148 39.37 -36.29 19.14
N PRO D 149 38.83 -36.13 20.35
CA PRO D 149 38.80 -37.29 21.25
C PRO D 149 37.85 -38.38 20.77
N GLN D 150 38.10 -39.62 21.25
CA GLN D 150 37.27 -40.79 21.00
CA GLN D 150 37.27 -40.79 21.00
C GLN D 150 35.79 -40.46 21.31
N GLY D 151 34.87 -41.01 20.51
CA GLY D 151 33.43 -40.85 20.68
C GLY D 151 32.83 -39.55 20.18
N THR D 152 33.60 -38.75 19.43
CA THR D 152 33.07 -37.45 18.99
C THR D 152 32.32 -37.63 17.67
N PHE D 153 31.17 -36.96 17.54
CA PHE D 153 30.44 -36.95 16.27
C PHE D 153 31.29 -36.13 15.27
N ILE D 154 31.50 -36.71 14.08
CA ILE D 154 32.31 -36.10 13.03
C ILE D 154 31.41 -35.51 11.96
N CYS D 155 30.67 -36.39 11.26
CA CYS D 155 29.80 -36.01 10.16
C CYS D 155 28.87 -37.16 9.84
N GLU D 156 27.83 -36.87 9.05
CA GLU D 156 26.84 -37.84 8.63
C GLU D 156 27.15 -38.30 7.23
N TYR D 157 26.78 -39.54 6.87
CA TYR D 157 26.94 -40.02 5.49
C TYR D 157 25.66 -39.59 4.79
N VAL D 158 25.75 -38.53 3.97
CA VAL D 158 24.58 -37.92 3.30
C VAL D 158 24.63 -38.15 1.77
N GLY D 159 23.47 -38.43 1.16
CA GLY D 159 23.40 -38.61 -0.27
C GLY D 159 21.97 -38.78 -0.75
N GLU D 160 21.83 -39.50 -1.83
CA GLU D 160 20.54 -39.76 -2.44
C GLU D 160 19.99 -41.08 -1.92
N LEU D 161 18.75 -41.04 -1.41
CA LEU D 161 18.08 -42.25 -0.93
C LEU D 161 17.55 -43.00 -2.12
N ILE D 162 17.98 -44.25 -2.25
CA ILE D 162 17.58 -45.14 -3.35
C ILE D 162 17.26 -46.52 -2.78
N SER D 163 16.43 -47.30 -3.49
CA SER D 163 16.08 -48.65 -3.05
C SER D 163 17.23 -49.60 -3.40
N ASP D 164 17.22 -50.80 -2.80
CA ASP D 164 18.18 -51.87 -3.13
C ASP D 164 18.08 -52.24 -4.62
N ALA D 165 16.84 -52.24 -5.18
CA ALA D 165 16.51 -52.51 -6.59
C ALA D 165 17.18 -51.50 -7.52
N GLU D 166 17.17 -50.19 -7.15
CA GLU D 166 17.83 -49.11 -7.90
C GLU D 166 19.34 -49.24 -7.77
N ALA D 167 19.85 -49.48 -6.56
CA ALA D 167 21.29 -49.69 -6.31
C ALA D 167 21.79 -50.87 -7.18
N ASP D 168 20.95 -51.90 -7.38
CA ASP D 168 21.38 -53.08 -8.14
C ASP D 168 21.53 -52.83 -9.66
N VAL D 169 21.10 -51.66 -10.17
CA VAL D 169 21.19 -51.32 -11.60
C VAL D 169 22.08 -50.07 -11.85
N ARG D 170 22.58 -49.43 -10.79
CA ARG D 170 23.44 -48.25 -10.97
C ARG D 170 24.87 -48.66 -11.29
N GLU D 171 25.44 -48.03 -12.32
CA GLU D 171 26.76 -48.31 -12.85
C GLU D 171 27.90 -47.98 -11.87
N ASP D 172 27.88 -46.79 -11.26
CA ASP D 172 28.92 -46.37 -10.32
C ASP D 172 28.45 -46.61 -8.91
N ASP D 173 28.95 -47.71 -8.31
CA ASP D 173 28.60 -48.11 -6.93
C ASP D 173 29.73 -47.82 -5.93
N SER D 174 30.65 -46.89 -6.27
CA SER D 174 31.81 -46.55 -5.39
C SER D 174 31.46 -45.61 -4.22
N TYR D 175 30.25 -45.03 -4.23
CA TYR D 175 29.80 -44.09 -3.20
C TYR D 175 28.49 -44.55 -2.56
N LEU D 176 28.34 -45.86 -2.36
CA LEU D 176 27.08 -46.41 -1.84
C LEU D 176 27.25 -46.86 -0.43
N PHE D 177 26.24 -46.60 0.39
CA PHE D 177 26.18 -47.07 1.76
C PHE D 177 24.85 -47.78 1.97
N ASP D 178 24.93 -49.04 2.39
CA ASP D 178 23.77 -49.91 2.63
C ASP D 178 23.13 -49.62 3.98
N LEU D 179 21.84 -49.31 4.00
CA LEU D 179 21.06 -49.07 5.23
C LEU D 179 20.32 -50.37 5.51
N ASP D 180 20.80 -51.18 6.45
CA ASP D 180 20.13 -52.46 6.74
C ASP D 180 19.27 -52.39 7.99
CA GLU D 185 13.00 -54.29 1.71
C GLU D 185 14.07 -53.42 2.38
N VAL D 186 15.24 -53.30 1.72
CA VAL D 186 16.41 -52.53 2.20
C VAL D 186 16.64 -51.29 1.27
N TYR D 187 17.19 -50.20 1.84
CA TYR D 187 17.47 -48.96 1.13
C TYR D 187 18.93 -48.60 1.26
N CYS D 188 19.41 -47.74 0.37
CA CYS D 188 20.80 -47.32 0.29
C CYS D 188 20.90 -45.80 0.22
N ILE D 189 22.10 -45.29 0.54
CA ILE D 189 22.43 -43.88 0.33
C ILE D 189 23.48 -43.87 -0.79
N ASP D 190 23.14 -43.26 -1.95
CA ASP D 190 24.06 -43.14 -3.07
C ASP D 190 24.61 -41.73 -3.04
N ALA D 191 25.88 -41.62 -2.73
CA ALA D 191 26.52 -40.31 -2.65
C ALA D 191 27.31 -39.95 -3.96
N ARG D 192 27.05 -40.67 -5.05
CA ARG D 192 27.74 -40.39 -6.34
C ARG D 192 27.31 -39.04 -6.96
N TYR D 193 26.01 -38.79 -7.10
CA TYR D 193 25.53 -37.57 -7.77
C TYR D 193 25.23 -36.47 -6.79
N TYR D 194 24.75 -36.83 -5.59
CA TYR D 194 24.45 -35.89 -4.53
C TYR D 194 25.08 -36.42 -3.28
N GLY D 195 25.85 -35.59 -2.57
CA GLY D 195 26.47 -36.05 -1.33
C GLY D 195 27.12 -34.94 -0.54
N ASN D 196 27.53 -35.23 0.69
CA ASN D 196 28.20 -34.22 1.51
C ASN D 196 29.70 -34.60 1.62
N ILE D 197 30.42 -34.05 2.59
CA ILE D 197 31.85 -34.30 2.79
C ILE D 197 32.17 -35.80 2.96
N SER D 198 31.25 -36.61 3.56
CA SER D 198 31.49 -38.07 3.77
C SER D 198 31.77 -38.86 2.47
N ARG D 199 31.29 -38.35 1.32
CA ARG D 199 31.49 -39.04 0.06
C ARG D 199 33.00 -39.11 -0.32
N PHE D 200 33.85 -38.28 0.35
CA PHE D 200 35.30 -38.25 0.07
C PHE D 200 36.13 -39.05 1.08
N ILE D 201 35.51 -39.64 2.08
CA ILE D 201 36.28 -40.33 3.12
C ILE D 201 36.75 -41.67 2.55
N ASN D 202 38.08 -41.97 2.69
CA ASN D 202 38.57 -43.21 2.15
C ASN D 202 38.34 -44.37 3.12
N HIS D 203 38.52 -45.59 2.63
CA HIS D 203 38.43 -46.85 3.38
C HIS D 203 39.67 -47.09 4.22
N LEU D 204 39.46 -47.56 5.46
CA LEU D 204 40.55 -47.94 6.35
C LEU D 204 40.16 -49.28 6.97
N CYS D 205 41.09 -50.25 6.96
CA CYS D 205 40.88 -51.57 7.55
C CYS D 205 40.95 -51.48 9.07
N ASP D 206 41.70 -50.48 9.57
CA ASP D 206 41.80 -50.13 11.00
C ASP D 206 41.22 -48.69 11.06
N PRO D 207 39.87 -48.57 11.03
CA PRO D 207 39.28 -47.24 10.92
C PRO D 207 39.39 -46.36 12.16
N ASN D 208 39.31 -45.03 11.97
CA ASN D 208 39.33 -44.13 13.11
C ASN D 208 37.95 -43.55 13.34
N ILE D 209 36.98 -43.90 12.46
CA ILE D 209 35.57 -43.48 12.59
C ILE D 209 34.67 -44.67 12.36
N ILE D 210 33.52 -44.67 13.04
CA ILE D 210 32.56 -45.76 12.87
C ILE D 210 31.16 -45.23 12.54
N PRO D 211 30.41 -45.97 11.68
CA PRO D 211 29.02 -45.54 11.37
C PRO D 211 28.03 -46.05 12.43
N VAL D 212 27.05 -45.22 12.78
CA VAL D 212 25.99 -45.53 13.74
C VAL D 212 24.69 -45.14 13.10
N ARG D 213 23.68 -46.03 13.16
CA ARG D 213 22.36 -45.76 12.60
CA ARG D 213 22.36 -45.77 12.61
C ARG D 213 21.59 -44.88 13.58
N VAL D 214 21.09 -43.71 13.13
CA VAL D 214 20.39 -42.80 14.05
C VAL D 214 19.02 -42.36 13.53
N PHE D 215 18.07 -42.15 14.45
CA PHE D 215 16.73 -41.62 14.20
C PHE D 215 16.57 -40.30 14.91
N MET D 216 16.07 -39.28 14.19
CA MET D 216 15.92 -37.95 14.77
C MET D 216 14.53 -37.43 14.50
N LEU D 217 14.27 -36.71 13.37
CA LEU D 217 12.97 -36.09 13.09
C LEU D 217 11.86 -37.09 12.71
N HIS D 218 12.22 -38.29 12.32
CA HIS D 218 11.28 -39.36 11.98
C HIS D 218 11.82 -40.66 12.51
N GLN D 219 10.97 -41.67 12.59
CA GLN D 219 11.43 -42.96 13.06
C GLN D 219 11.05 -44.08 12.07
N ASP D 220 11.13 -43.76 10.77
CA ASP D 220 10.86 -44.70 9.70
C ASP D 220 12.10 -45.61 9.59
N LEU D 221 11.97 -46.87 10.04
CA LEU D 221 13.10 -47.83 10.15
C LEU D 221 13.76 -48.22 8.82
N ARG D 222 13.14 -47.86 7.68
CA ARG D 222 13.72 -48.07 6.35
C ARG D 222 14.85 -47.05 6.16
N PHE D 223 14.74 -45.89 6.86
CA PHE D 223 15.65 -44.79 6.64
C PHE D 223 16.39 -44.31 7.89
N PRO D 224 17.27 -45.16 8.46
CA PRO D 224 18.18 -44.64 9.48
C PRO D 224 19.15 -43.66 8.80
N ARG D 225 19.59 -42.65 9.57
CA ARG D 225 20.59 -41.71 9.09
C ARG D 225 21.94 -42.22 9.60
N ILE D 226 23.00 -42.01 8.82
CA ILE D 226 24.28 -42.64 9.19
C ILE D 226 25.20 -41.61 9.79
N ALA D 227 25.55 -41.76 11.07
CA ALA D 227 26.40 -40.79 11.76
C ALA D 227 27.76 -41.41 12.04
N PHE D 228 28.85 -40.76 11.61
CA PHE D 228 30.20 -41.19 11.92
C PHE D 228 30.68 -40.59 13.26
N PHE D 229 31.20 -41.44 14.13
CA PHE D 229 31.80 -41.06 15.43
C PHE D 229 33.23 -41.60 15.44
N SER D 230 34.15 -40.87 16.03
CA SER D 230 35.55 -41.31 16.17
C SER D 230 35.60 -42.55 17.08
N SER D 231 36.28 -43.59 16.62
CA SER D 231 36.41 -44.83 17.40
C SER D 231 37.58 -44.77 18.39
N ARG D 232 38.43 -43.73 18.27
N ARG D 232 38.42 -43.72 18.28
CA ARG D 232 39.62 -43.47 19.09
CA ARG D 232 39.61 -43.46 19.09
C ARG D 232 40.03 -41.99 18.95
C ARG D 232 40.02 -41.97 18.97
N ASP D 233 41.03 -41.54 19.74
CA ASP D 233 41.54 -40.16 19.63
C ASP D 233 42.19 -39.94 18.25
N ILE D 234 41.82 -38.85 17.58
CA ILE D 234 42.35 -38.50 16.26
C ILE D 234 43.28 -37.31 16.44
N ARG D 235 44.47 -37.36 15.81
CA ARG D 235 45.44 -36.28 15.85
C ARG D 235 45.14 -35.26 14.76
N THR D 236 45.57 -34.00 14.97
CA THR D 236 45.43 -32.98 13.93
C THR D 236 46.23 -33.45 12.68
N GLY D 237 45.58 -33.33 11.52
CA GLY D 237 46.11 -33.69 10.21
C GLY D 237 45.87 -35.14 9.82
N GLU D 238 45.39 -35.96 10.75
CA GLU D 238 45.14 -37.35 10.48
C GLU D 238 43.97 -37.53 9.52
N GLU D 239 44.15 -38.40 8.50
CA GLU D 239 43.05 -38.66 7.56
C GLU D 239 41.97 -39.51 8.22
N LEU D 240 40.72 -39.17 7.93
CA LEU D 240 39.57 -39.93 8.38
C LEU D 240 39.35 -41.14 7.48
N GLY D 241 38.90 -42.23 8.08
CA GLY D 241 38.57 -43.40 7.30
C GLY D 241 37.68 -44.37 8.05
N PHE D 242 36.69 -44.92 7.36
CA PHE D 242 35.81 -45.94 7.91
C PHE D 242 36.01 -47.24 7.13
N ASP D 243 35.48 -48.35 7.68
CA ASP D 243 35.60 -49.63 7.02
C ASP D 243 34.39 -49.73 6.11
N TYR D 244 34.63 -49.72 4.78
CA TYR D 244 33.54 -49.81 3.80
C TYR D 244 32.77 -51.11 3.92
N GLY D 245 33.42 -52.14 4.47
CA GLY D 245 32.75 -53.43 4.68
C GLY D 245 33.00 -54.47 3.61
N ASP D 246 32.53 -55.70 3.87
CA ASP D 246 32.78 -56.85 3.01
C ASP D 246 32.10 -56.77 1.66
N ARG D 247 30.85 -56.26 1.54
CA ARG D 247 30.16 -56.15 0.23
C ARG D 247 30.96 -55.29 -0.74
N PHE D 248 31.42 -54.10 -0.28
CA PHE D 248 32.22 -53.22 -1.12
C PHE D 248 33.41 -53.96 -1.74
N TRP D 249 34.24 -54.59 -0.87
CA TRP D 249 35.48 -55.25 -1.26
C TRP D 249 35.23 -56.53 -2.01
N ASP D 250 34.11 -57.27 -1.75
CA ASP D 250 33.80 -58.50 -2.50
C ASP D 250 33.53 -58.16 -3.95
N ILE D 251 32.94 -56.99 -4.18
CA ILE D 251 32.66 -56.49 -5.53
C ILE D 251 33.89 -55.84 -6.18
N LYS D 252 34.57 -54.94 -5.44
CA LYS D 252 35.67 -54.16 -6.01
C LYS D 252 36.99 -54.90 -6.12
N SER D 253 37.23 -55.95 -5.27
CA SER D 253 38.48 -56.72 -5.26
C SER D 253 38.89 -57.23 -6.64
N LYS D 254 37.91 -57.48 -7.53
CA LYS D 254 38.19 -57.94 -8.90
C LYS D 254 38.92 -56.89 -9.74
N TYR D 255 38.71 -55.59 -9.39
CA TYR D 255 39.26 -54.43 -10.08
C TYR D 255 40.48 -53.85 -9.37
N PHE D 256 40.43 -53.70 -8.02
CA PHE D 256 41.53 -53.18 -7.21
C PHE D 256 41.48 -53.69 -5.77
N THR D 257 42.62 -53.62 -5.08
CA THR D 257 42.71 -54.08 -3.71
C THR D 257 43.03 -52.90 -2.77
N CYS D 258 42.87 -53.13 -1.48
CA CYS D 258 43.06 -52.12 -0.46
C CYS D 258 44.52 -51.66 -0.35
N GLN D 259 44.71 -50.33 -0.28
CA GLN D 259 46.04 -49.72 -0.16
C GLN D 259 46.17 -48.90 1.13
N CYS D 260 45.44 -49.30 2.21
CA CYS D 260 45.50 -48.57 3.50
C CYS D 260 46.86 -48.74 4.15
N GLY D 261 47.59 -49.78 3.73
CA GLY D 261 48.95 -50.08 4.16
C GLY D 261 49.11 -50.50 5.60
N SER D 262 48.04 -50.96 6.20
CA SER D 262 48.07 -51.34 7.61
C SER D 262 48.46 -52.78 7.75
N GLU D 263 49.04 -53.16 8.91
CA GLU D 263 49.39 -54.55 9.16
C GLU D 263 48.10 -55.32 9.45
N LYS D 264 47.04 -54.56 9.76
CA LYS D 264 45.67 -55.00 10.08
C LYS D 264 44.82 -55.08 8.80
N CYS D 265 45.41 -54.80 7.62
CA CYS D 265 44.70 -54.83 6.34
C CYS D 265 44.06 -56.18 6.10
N LYS D 266 42.76 -56.15 5.78
CA LYS D 266 41.91 -57.32 5.52
C LYS D 266 41.57 -57.48 4.03
N HIS D 267 41.86 -56.46 3.18
CA HIS D 267 41.42 -56.47 1.78
C HIS D 267 42.51 -56.16 0.78
N SER D 268 43.78 -56.33 1.18
CA SER D 268 44.91 -56.17 0.26
C SER D 268 44.96 -57.46 -0.59
N ALA D 269 45.76 -57.50 -1.67
CA ALA D 269 45.90 -58.71 -2.48
C ALA D 269 46.30 -59.90 -1.59
N GLU D 270 47.29 -59.67 -0.71
CA GLU D 270 47.89 -60.61 0.21
C GLU D 270 46.90 -61.12 1.26
N ALA D 271 46.06 -60.22 1.83
CA ALA D 271 45.07 -60.64 2.84
C ALA D 271 43.98 -61.56 2.26
N ILE D 272 43.54 -61.29 1.00
CA ILE D 272 42.53 -62.09 0.28
C ILE D 272 43.14 -63.47 -0.06
N ALA D 273 44.42 -63.49 -0.50
CA ALA D 273 45.17 -64.70 -0.83
C ALA D 273 45.34 -65.58 0.40
N LEU D 274 45.49 -64.95 1.58
CA LEU D 274 45.63 -65.62 2.88
C LEU D 274 44.29 -66.25 3.28
N GLU D 275 43.16 -65.53 3.01
CA GLU D 275 41.80 -65.98 3.30
C GLU D 275 41.42 -67.22 2.46
N GLN D 276 41.86 -67.26 1.19
CA GLN D 276 41.59 -68.35 0.25
C GLN D 276 42.33 -69.65 0.63
ZN ZN E . -13.27 36.66 -24.41
ZN ZN F . -10.81 38.77 -21.87
ZN ZN G . -11.10 39.81 -25.48
ZN ZN H . -43.07 52.02 -3.30
N SAM I . -37.74 41.99 3.82
CA SAM I . -37.56 40.59 3.38
C SAM I . -37.22 39.61 4.58
O SAM I . -37.23 40.12 5.73
OXT SAM I . -36.97 38.41 4.33
CB SAM I . -36.46 40.57 2.31
CG SAM I . -37.02 40.82 0.88
SD SAM I . -38.02 39.44 0.27
CE SAM I . -37.21 39.15 -1.23
C5' SAM I . -39.48 40.32 -0.28
C4' SAM I . -40.50 40.56 0.84
O4' SAM I . -40.04 41.69 1.62
C3' SAM I . -41.89 40.96 0.37
O3' SAM I . -42.71 39.86 0.03
C2' SAM I . -42.39 41.79 1.55
O2' SAM I . -42.70 40.97 2.68
C1' SAM I . -41.12 42.58 1.89
N9 SAM I . -40.94 43.79 1.08
C8 SAM I . -39.93 44.05 0.18
N7 SAM I . -40.02 45.22 -0.40
C5 SAM I . -41.16 45.78 0.15
C6 SAM I . -41.80 47.02 -0.04
N6 SAM I . -41.37 47.95 -0.90
N1 SAM I . -42.91 47.28 0.68
C2 SAM I . -43.35 46.35 1.54
N3 SAM I . -42.85 45.13 1.80
C4 SAM I . -41.75 44.91 1.06
C4 90P J . -43.96 32.90 -11.43
C5 90P J . -45.05 33.32 -9.44
C6 90P J . -46.84 31.79 -8.66
N1 90P J . -44.90 32.56 -10.52
C7 90P J . -48.25 32.28 -8.88
C8 90P J . -49.23 31.10 -8.89
N2 90P J . -45.94 32.92 -8.51
C9 90P J . -50.15 29.27 -7.64
C10 90P J . -47.80 29.78 -7.51
C11 90P J . -46.76 30.89 -7.42
C12 90P J . -44.24 34.49 -9.22
N3 90P J . -49.15 30.34 -7.65
C13 90P J . -44.41 35.41 -8.16
C14 90P J . -43.61 36.50 -8.05
C15 90P J . -44.87 37.42 -6.22
N4 90P J . -44.04 32.30 -12.66
C16 90P J . -43.02 32.52 -13.67
C17 90P J . -45.50 32.08 -13.14
C22 90P J . -45.86 30.90 -14.03
C18 90P J . -46.32 33.32 -13.49
N 90P J . -43.08 33.93 -11.29
C3 90P J . -43.25 34.74 -10.18
C2 90P J . -42.42 35.86 -10.04
O1 90P J . -43.74 37.47 -7.08
C1 90P J . -42.59 36.73 -9.00
O 90P J . -41.83 37.85 -8.76
C 90P J . -40.96 38.27 -9.80
C1 GOL K . -20.99 36.87 -7.81
O1 GOL K . -21.01 37.33 -9.15
C2 GOL K . -20.89 38.01 -6.83
O2 GOL K . -20.11 37.65 -5.71
C3 GOL K . -22.21 38.57 -6.37
O3 GOL K . -22.94 37.70 -5.53
C1 GOL L . -19.53 45.82 12.73
O1 GOL L . -18.19 45.70 13.16
C2 GOL L . -20.12 44.46 12.49
O2 GOL L . -19.26 43.67 11.67
C3 GOL L . -21.51 44.53 11.88
O3 GOL L . -21.55 45.34 10.70
C1 GOL M . -37.68 40.45 -8.94
O1 GOL M . -37.87 39.36 -8.03
C2 GOL M . -38.35 40.24 -10.28
O2 GOL M . -38.16 41.40 -11.08
C3 GOL M . -37.88 39.05 -11.07
O3 GOL M . -38.72 38.78 -12.17
UNK UNX N . -37.47 36.38 6.60
ZN ZN O . -18.69 18.92 5.56
ZN ZN P . -16.22 21.62 6.90
ZN ZN Q . -17.62 18.98 9.24
ZN ZN R . 11.77 4.52 -14.85
N SAM S . 7.26 15.51 -21.43
CA SAM S . 5.89 15.80 -21.87
C SAM S . 5.83 17.07 -22.82
O SAM S . 6.92 17.61 -23.08
OXT SAM S . 4.71 17.43 -23.28
CB SAM S . 5.02 16.03 -20.58
CG SAM S . 4.48 14.66 -20.03
SD SAM S . 3.30 13.85 -21.17
CE SAM S . 1.97 13.67 -20.09
C5' SAM S . 3.92 12.14 -21.17
C4' SAM S . 4.99 11.94 -22.25
O4' SAM S . 6.25 12.51 -21.78
C3' SAM S . 5.32 10.50 -22.60
O3' SAM S . 4.45 9.97 -23.60
C2' SAM S . 6.77 10.61 -23.07
O2' SAM S . 6.87 11.19 -24.37
C1' SAM S . 7.32 11.62 -22.06
N9 SAM S . 7.76 11.02 -20.80
C8 SAM S . 7.23 11.24 -19.55
N7 SAM S . 7.81 10.55 -18.60
C5 SAM S . 8.79 9.82 -19.27
C6 SAM S . 9.78 8.92 -18.82
N6 SAM S . 9.95 8.57 -17.54
N1 SAM S . 10.61 8.39 -19.75
C2 SAM S . 10.47 8.75 -21.03
N3 SAM S . 9.57 9.58 -21.58
C4 SAM S . 8.76 10.10 -20.63
C4 90P T . -7.50 3.90 -22.16
C5 90P T . -5.76 4.16 -23.66
C6 90P T . -6.13 3.69 -26.08
N1 90P T . -7.02 3.79 -23.43
C7 90P T . -5.75 2.25 -26.38
C8 90P T . -6.38 1.78 -27.69
N2 90P T . -5.35 4.18 -24.94
C9 90P T . -6.53 2.14 -30.07
C10 90P T . -6.52 4.00 -28.54
C11 90P T . -5.88 4.60 -27.28
C12 90P T . -4.90 4.64 -22.61
N3 90P T . -6.01 2.65 -28.80
C13 90P T . -3.52 4.91 -22.75
C14 90P T . -2.78 5.30 -21.68
C15 90P T . -0.75 5.25 -22.95
N4 90P T . -8.75 3.38 -21.94
C16 90P T . -9.45 2.61 -22.97
C17 90P T . -9.26 3.32 -20.51
C22 90P T . -10.34 4.34 -20.24
C18 90P T . -9.70 1.95 -19.99
N 90P T . -6.82 4.42 -21.11
C3 90P T . -5.51 4.77 -21.34
C2 90P T . -4.73 5.23 -20.25
O1 90P T . -1.43 5.52 -21.72
C1 90P T . -3.39 5.49 -20.41
O 90P T . -2.56 5.98 -19.44
C 90P T . -3.03 6.03 -18.09
C1 GOL U . -5.60 22.20 -9.26
O1 GOL U . -4.42 22.60 -9.92
C2 GOL U . -6.24 23.32 -8.46
O2 GOL U . -5.37 23.71 -7.44
C3 GOL U . -7.61 23.01 -7.90
O3 GOL U . -7.62 21.88 -7.02
C1 GOL V . 16.41 17.83 -25.47
O1 GOL V . 16.59 19.12 -26.04
C2 GOL V . 14.99 17.36 -25.65
O2 GOL V . 14.97 15.92 -25.67
C3 GOL V . 14.13 17.87 -24.53
O3 GOL V . 14.23 17.05 -23.38
C1 GOL W . -13.62 16.03 -12.54
O1 GOL W . -13.60 14.62 -12.62
C2 GOL W . -15.03 16.58 -12.44
O2 GOL W . -15.75 15.79 -11.52
C3 GOL W . -15.15 18.01 -11.99
O3 GOL W . -14.36 18.88 -12.78
UNK UNX X . -11.82 14.43 4.42
UNK UNX Y . 4.74 19.07 -25.39
ZN ZN Z . 18.40 -20.02 -6.14
ZN ZN AA . 20.85 -17.89 -3.75
ZN ZN BA . 20.48 -17.02 -7.41
ZN ZN CA . -11.58 -4.66 13.66
N SAM DA . -6.15 -14.56 21.77
CA SAM DA . -6.01 -15.97 21.38
C SAM DA . -5.71 -16.91 22.62
O SAM DA . -5.73 -16.41 23.78
OXT SAM DA . -5.49 -18.13 22.36
CB SAM DA . -4.90 -16.10 20.32
CG SAM DA . -5.46 -15.89 18.86
SD SAM DA . -6.56 -17.22 18.35
CE SAM DA . -5.72 -17.60 16.89
C5' SAM DA . -7.94 -16.25 17.73
C4' SAM DA . -9.00 -15.92 18.80
O4' SAM DA . -8.61 -14.73 19.53
C3' SAM DA . -10.35 -15.57 18.20
O3' SAM DA . -11.16 -16.70 17.89
C2' SAM DA . -10.95 -14.68 19.29
O2' SAM DA . -11.37 -15.49 20.39
C1' SAM DA . -9.73 -13.86 19.68
N9 SAM DA . -9.51 -12.65 18.87
C8 SAM DA . -8.45 -12.43 18.03
N7 SAM DA . -8.48 -11.25 17.44
C5 SAM DA . -9.64 -10.67 17.92
C6 SAM DA . -10.27 -9.44 17.62
N6 SAM DA . -9.71 -8.47 16.86
N1 SAM DA . -11.46 -9.18 18.21
C2 SAM DA . -11.97 -10.10 19.05
N3 SAM DA . -11.46 -11.28 19.41
C4 SAM DA . -10.28 -11.51 18.81
C4 90P EA . -12.30 -23.83 6.56
C5 90P EA . -13.44 -23.38 8.53
C6 90P EA . -15.16 -24.98 9.34
N1 90P EA . -13.26 -24.16 7.45
C7 90P EA . -16.54 -24.54 8.89
C8 90P EA . -17.50 -25.74 8.88
N2 90P EA . -14.30 -23.79 9.48
C9 90P EA . -18.56 -27.47 10.20
C10 90P EA . -16.25 -26.87 10.57
C11 90P EA . -15.23 -25.74 10.66
C12 90P EA . -12.65 -22.19 8.72
N3 90P EA . -17.57 -26.37 10.20
C13 90P EA . -12.85 -21.26 9.76
C14 90P EA . -12.03 -20.17 9.89
C15 90P EA . -13.17 -19.38 11.85
N4 90P EA . -12.21 -24.58 5.42
N4 90P EA . -12.33 -24.48 5.36
C16 90P EA . -12.95 -25.83 5.28
C16 90P EA . -11.21 -24.40 4.42
C17 90P EA . -11.76 -23.85 4.16
C17 90P EA . -13.70 -24.99 4.87
C22 90P EA . -10.53 -24.40 3.43
C22 90P EA . -13.77 -26.39 4.27
C18 90P EA . -12.85 -23.49 3.17
C18 90P EA . -14.61 -24.02 4.14
N 90P EA . -11.42 -22.80 6.70
C3 90P EA . -11.62 -21.97 7.78
C2 90P EA . -10.80 -20.83 7.92
O1 90P EA . -12.12 -19.25 10.90
C1 90P EA . -11.00 -19.95 8.94
O 90P EA . -10.24 -18.82 9.17
C 90P EA . -9.23 -18.49 8.21
C1 GOL FA . 10.37 -19.09 9.62
O1 GOL FA . 10.92 -20.24 9.01
C2 GOL FA . 10.21 -19.23 11.12
O2 GOL FA . 11.44 -19.05 11.77
C3 GOL FA . 9.26 -18.24 11.74
O3 GOL FA . 8.54 -18.80 12.83
UNK UNX GA . 13.51 -13.30 26.94
ZN ZN HA . 13.05 -37.59 23.87
ZN ZN IA . 15.46 -34.78 25.21
ZN ZN JA . 14.09 -37.45 27.54
ZN ZN KA . 43.36 -52.32 4.05
N SAM LA . 39.26 -41.01 -2.98
CA SAM LA . 37.87 -40.83 -3.45
C SAM LA . 37.79 -39.61 -4.45
O SAM LA . 38.88 -39.09 -4.78
OXT SAM LA . 36.66 -39.25 -4.87
CB SAM LA . 36.89 -40.62 -2.24
CG SAM LA . 36.41 -41.97 -1.67
SD SAM LA . 35.24 -42.85 -2.78
CE SAM LA . 33.92 -43.00 -1.67
C5' SAM LA . 35.85 -44.52 -2.74
C4' SAM LA . 36.90 -44.81 -3.79
O4' SAM LA . 38.19 -44.31 -3.34
C3' SAM LA . 37.12 -46.31 -4.03
O3' SAM LA . 36.24 -46.87 -4.99
C2' SAM LA . 38.58 -46.33 -4.50
O2' SAM LA . 38.68 -45.82 -5.83
C1' SAM LA . 39.20 -45.31 -3.55
N9 SAM LA . 39.63 -45.84 -2.24
C8 SAM LA . 39.15 -45.48 -1.00
N7 SAM LA . 39.75 -46.09 -0.01
C5 SAM LA . 40.68 -46.91 -0.63
C6 SAM LA . 41.62 -47.85 -0.13
N6 SAM LA . 41.85 -48.07 1.17
N1 SAM LA . 42.36 -48.54 -1.03
C2 SAM LA . 42.19 -48.29 -2.33
N3 SAM LA . 41.35 -47.43 -2.92
C4 SAM LA . 40.61 -46.78 -2.01
C4 90P MA . 24.34 -52.86 -3.48
C5 90P MA . 26.08 -52.59 -4.97
C6 90P MA . 25.74 -53.07 -7.39
N1 90P MA . 24.82 -52.95 -4.74
C7 90P MA . 26.01 -54.55 -7.62
C8 90P MA . 25.32 -55.04 -8.89
N2 90P MA . 26.53 -52.60 -6.25
C9 90P MA . 25.12 -54.77 -11.27
C10 90P MA . 25.35 -52.86 -9.85
C11 90P MA . 26.06 -52.26 -8.63
C12 90P MA . 26.93 -52.10 -3.93
N3 90P MA . 25.73 -54.25 -10.05
C13 90P MA . 28.31 -51.78 -4.06
C14 90P MA . 29.03 -51.34 -2.99
C15 90P MA . 31.07 -51.40 -4.25
N4 90P MA . 23.08 -53.35 -3.26
N4 90P MA . 23.14 -53.47 -3.23
C16 90P MA . 22.24 -53.79 -4.36
C16 90P MA . 22.29 -53.04 -2.12
C17 90P MA . 22.51 -53.42 -1.83
C17 90P MA . 22.90 -54.84 -3.89
C22 90P MA . 23.12 -54.44 -0.89
C22 90P MA . 23.62 -56.08 -3.35
C18 90P MA . 21.00 -53.54 -1.78
C18 90P MA . 21.48 -55.17 -4.34
N 90P MA . 25.02 -52.34 -2.42
C3 90P MA . 26.32 -51.97 -2.65
C2 90P MA . 27.09 -51.48 -1.57
O1 90P MA . 30.37 -51.07 -3.05
C1 90P MA . 28.42 -51.17 -1.73
O 90P MA . 29.24 -50.70 -0.74
C 90P MA . 28.70 -50.57 0.57
C1 GOL NA . 30.92 -19.92 5.94
O1 GOL NA . 31.30 -20.78 4.87
C2 GOL NA . 30.53 -20.68 7.20
O2 GOL NA . 29.68 -19.88 8.02
C3 GOL NA . 29.84 -21.99 6.91
O3 GOL NA . 29.55 -22.68 8.09
C1 GOL OA . 48.23 -38.19 -6.84
O1 GOL OA . 48.58 -37.33 -7.91
C2 GOL OA . 46.99 -38.99 -7.19
O2 GOL OA . 47.30 -39.90 -8.24
C3 GOL OA . 46.48 -39.76 -5.99
O3 GOL OA . 46.08 -38.88 -4.94
#